data_8D1T
#
_entry.id   8D1T
#
_cell.length_a   41.879
_cell.length_b   71.721
_cell.length_c   148.630
_cell.angle_alpha   90.000
_cell.angle_beta   93.980
_cell.angle_gamma   90.000
#
_symmetry.space_group_name_H-M   'P 1 21 1'
#
loop_
_entity.id
_entity.type
_entity.pdbx_description
1 polymer 'Ubiquitin carboxyl-terminal hydrolase 30'
2 polymer 'mouse anti-huUSP30 Fab heavy chain'
3 polymer 'mouse anti-huUSP30 Fab light chain'
4 non-polymer "(1R,2R,4S,7E)-7-[amino(sulfanyl)methylidene]-2-{[(1P)-3-chloro-3'-(1-cyanocyclopropyl)[1,1'-biphenyl]-4-carbonyl]amino}-7-azabicyclo[2.2.1]heptan-7-ium"
5 non-polymer 'ZINC ION'
6 non-polymer 1,2-ETHANEDIOL
7 water water
#
loop_
_entity_poly.entity_id
_entity_poly.type
_entity_poly.pdbx_seq_one_letter_code
_entity_poly.pdbx_strand_id
1 'polypeptide(L)'
;MKGLVPGLVNLGNTCFMNSLLQGLSACPAFIRWLEEFTSQYSRDQKEPPSHQYLSLTLLHLLKALSCQEVTDDEVLDASC
LLDVLRMYRWQISSFEEQDAHELFHVITSSLEDERDGSGSHWKSQHPFHGRLTSNMVCKHCEHQSPVRFDTFDSLSLSIP
AATWGHPLTLDHCLHHFISSESVRDVVCDNCTKIEAKGTLNGEKVEHQRTTFVKQLKLGKLPQCLCIHLQRLSWSSHGTP
LKRHEHVQFNEDLSMDEYKYHSNASTYLFRLMAVVVHHGDMHSGHFVTYRRSPPSARNPLSTSNQWLWVSDDTVRKASLQ
EVLSSSAYLLFYERVLEVLFQGPHHHHHH
;
A
2 'polypeptide(L)'
;EVQLQQSGAELVRPGASVKLSCTGSGFNIKDTYMHWVKQRPEQGLEWIGRIDPANGNTKYDPKFQGKATMTADTSSNTAY
LQLSSLTSEDTAVYYCARPDGYYGDYWGQGTTLTVSSAKTTAPSVYPLAPVCGDTTGSSVTLGCLVKGYFPEPVTLTWNS
GSLSSGVHTFPAVLQSDLYTLSSSVTVTSSTWPSQSITCNVAHPASSTKVDKKIGGHHHHHH
;
H
3 'polypeptide(L)'
;DIVMTQSQKFMSTSVGDRVSVTCKASQNVGTNVAWYQQKPGQSPKALIYSASYRYSGVPDRFTGSGSGTDFTLTISNVQS
EDLAEYFCQQYNSFPLTFGAGTKLELKRADAAPTVSIFPPSSEQLTSGGASVVCFLNNFYPKDINVKWKIDGSERQNGVL
NSWTDQDSKDSTYSMSSTLTLTKDEYERHNSYTCEATHKTSTSPIVKSFNRNEC
;
L
#
loop_
_chem_comp.id
_chem_comp.type
_chem_comp.name
_chem_comp.formula
EDO non-polymer 1,2-ETHANEDIOL 'C2 H6 O2'
PXW non-polymer (1R,2R,4S,7E)-7-[amino(sulfanyl)methylidene]-2-{[(1P)-3-chloro-3'-(1-cyanocyclopropyl)[1,1'-biphenyl]-4-carbonyl]amino}-7-azabicyclo[2.2.1]heptan-7-ium 'C24 H24 Cl N4 O S 1'
ZN non-polymer 'ZINC ION' 'Zn 2'
#
# COMPACT_ATOMS: atom_id res chain seq x y z
N LEU A 4 -21.51 -34.06 2.70
CA LEU A 4 -20.95 -35.25 2.07
C LEU A 4 -21.04 -35.18 0.55
N VAL A 5 -19.93 -35.45 -0.12
CA VAL A 5 -19.93 -35.61 -1.58
C VAL A 5 -19.20 -36.91 -1.92
N PRO A 6 -19.51 -37.55 -3.06
CA PRO A 6 -18.74 -38.74 -3.45
C PRO A 6 -17.35 -38.37 -3.91
N GLY A 7 -16.40 -39.24 -3.61
CA GLY A 7 -15.04 -39.09 -4.09
C GLY A 7 -14.91 -39.54 -5.54
N LEU A 8 -13.70 -39.37 -6.06
CA LEU A 8 -13.38 -39.77 -7.42
C LEU A 8 -12.11 -40.62 -7.40
N VAL A 9 -12.17 -41.78 -8.05
CA VAL A 9 -11.02 -42.67 -8.07
C VAL A 9 -9.86 -41.99 -8.80
N ASN A 10 -8.64 -42.36 -8.39
CA ASN A 10 -7.44 -41.89 -9.08
C ASN A 10 -6.35 -42.93 -8.86
N LEU A 11 -6.16 -43.80 -9.84
CA LEU A 11 -4.97 -44.62 -9.90
C LEU A 11 -3.97 -43.87 -10.77
N GLY A 12 -3.02 -43.20 -10.14
CA GLY A 12 -1.94 -42.58 -10.92
C GLY A 12 -2.10 -41.14 -11.38
N ASN A 13 -2.50 -40.94 -12.64
CA ASN A 13 -2.45 -39.57 -13.21
C ASN A 13 -3.83 -38.96 -13.51
N THR A 14 -4.83 -39.19 -12.67
CA THR A 14 -6.17 -38.67 -13.04
C THR A 14 -6.60 -37.61 -12.04
N CYS A 15 -5.71 -37.17 -11.16
CA CYS A 15 -6.24 -36.18 -10.20
C CYS A 15 -6.14 -34.73 -10.66
N PHE A 16 -5.82 -34.47 -11.92
CA PHE A 16 -5.86 -33.06 -12.39
C PHE A 16 -7.28 -32.84 -12.86
N MET A 17 -7.97 -33.96 -13.10
CA MET A 17 -9.36 -33.90 -13.56
C MET A 17 -10.26 -34.06 -12.34
N ASN A 18 -9.85 -34.87 -11.36
CA ASN A 18 -10.75 -34.96 -10.22
C ASN A 18 -10.89 -33.61 -9.52
N SER A 19 -9.75 -32.93 -9.30
CA SER A 19 -9.77 -31.65 -8.62
C SER A 19 -10.60 -30.63 -9.39
N LEU A 20 -10.48 -30.61 -10.72
CA LEU A 20 -11.25 -29.67 -11.51
C LEU A 20 -12.74 -30.03 -11.50
N LEU A 21 -13.06 -31.32 -11.56
CA LEU A 21 -14.46 -31.73 -11.55
C LEU A 21 -15.14 -31.38 -10.24
N GLN A 22 -14.41 -31.46 -9.12
CA GLN A 22 -14.98 -31.04 -7.84
C GLN A 22 -15.20 -29.53 -7.80
N GLY A 23 -14.38 -28.77 -8.53
CA GLY A 23 -14.53 -27.34 -8.61
C GLY A 23 -15.69 -26.94 -9.50
N LEU A 24 -15.78 -27.57 -10.68
CA LEU A 24 -16.85 -27.23 -11.61
C LEU A 24 -18.21 -27.59 -11.03
N SER A 25 -18.31 -28.73 -10.34
CA SER A 25 -19.57 -29.14 -9.74
C SER A 25 -19.99 -28.24 -8.59
N ALA A 26 -19.10 -27.37 -8.10
CA ALA A 26 -19.46 -26.39 -7.08
C ALA A 26 -19.99 -25.10 -7.67
N CYS A 27 -20.04 -25.00 -9.01
CA CYS A 27 -20.58 -23.84 -9.69
C CYS A 27 -21.97 -24.21 -10.21
N PRO A 28 -23.05 -23.87 -9.49
CA PRO A 28 -24.38 -24.29 -9.94
C PRO A 28 -24.80 -23.68 -11.26
N ALA A 29 -24.28 -22.49 -11.60
CA ALA A 29 -24.62 -21.89 -12.89
C ALA A 29 -24.03 -22.68 -14.05
N PHE A 30 -22.87 -23.29 -13.85
CA PHE A 30 -22.29 -24.14 -14.89
C PHE A 30 -23.09 -25.42 -15.07
N ILE A 31 -23.65 -25.95 -13.97
CA ILE A 31 -24.48 -27.15 -14.07
C ILE A 31 -25.79 -26.83 -14.78
N ARG A 32 -26.42 -25.71 -14.43
CA ARG A 32 -27.67 -25.33 -15.10
C ARG A 32 -27.44 -25.04 -16.57
N TRP A 33 -26.32 -24.41 -16.91
CA TRP A 33 -26.01 -24.19 -18.31
C TRP A 33 -25.91 -25.51 -19.07
N LEU A 34 -25.34 -26.53 -18.43
CA LEU A 34 -25.23 -27.83 -19.08
C LEU A 34 -26.59 -28.49 -19.26
N GLU A 35 -27.43 -28.44 -18.22
CA GLU A 35 -28.81 -28.92 -18.37
C GLU A 35 -29.54 -28.15 -19.47
N GLU A 36 -29.25 -26.86 -19.57
CA GLU A 36 -29.82 -26.04 -20.64
C GLU A 36 -29.20 -26.38 -21.99
N PHE A 37 -27.87 -26.46 -22.03
CA PHE A 37 -27.14 -26.68 -23.28
C PHE A 37 -27.45 -28.04 -23.88
N THR A 38 -27.56 -29.08 -23.04
CA THR A 38 -27.82 -30.42 -23.52
C THR A 38 -29.27 -30.67 -23.89
N SER A 39 -30.18 -29.75 -23.54
CA SER A 39 -31.59 -29.90 -23.86
C SER A 39 -32.10 -28.86 -24.84
N GLN A 40 -31.26 -27.90 -25.24
CA GLN A 40 -31.70 -26.85 -26.14
C GLN A 40 -31.75 -27.33 -27.58
N TYR A 41 -32.73 -26.85 -28.32
CA TYR A 41 -32.88 -27.16 -29.74
C TYR A 41 -33.81 -26.13 -30.36
N SER A 42 -33.88 -26.17 -31.68
CA SER A 42 -34.73 -25.27 -32.45
C SER A 42 -35.72 -26.10 -33.27
N ARG A 43 -36.95 -25.60 -33.38
CA ARG A 43 -38.06 -26.42 -33.85
C ARG A 43 -38.10 -26.49 -35.38
N ASP A 44 -38.05 -25.34 -36.04
CA ASP A 44 -38.28 -25.31 -37.48
C ASP A 44 -37.07 -25.77 -38.30
N GLN A 45 -35.94 -26.05 -37.66
CA GLN A 45 -34.73 -26.41 -38.39
C GLN A 45 -34.86 -27.80 -39.00
N LYS A 46 -34.18 -27.99 -40.14
CA LYS A 46 -34.24 -29.25 -40.87
C LYS A 46 -33.08 -30.19 -40.54
N GLU A 47 -31.93 -29.67 -40.12
CA GLU A 47 -30.84 -30.53 -39.70
C GLU A 47 -31.01 -30.90 -38.22
N PRO A 48 -30.81 -32.17 -37.87
CA PRO A 48 -30.84 -32.55 -36.47
C PRO A 48 -29.57 -32.10 -35.75
N PRO A 49 -29.64 -31.87 -34.45
CA PRO A 49 -28.45 -31.42 -33.73
C PRO A 49 -27.40 -32.52 -33.64
N SER A 50 -26.14 -32.11 -33.66
CA SER A 50 -25.06 -33.05 -33.49
C SER A 50 -25.01 -33.53 -32.04
N HIS A 51 -24.59 -34.77 -31.86
CA HIS A 51 -24.67 -35.40 -30.56
C HIS A 51 -23.67 -34.77 -29.58
N GLN A 52 -24.03 -34.83 -28.30
CA GLN A 52 -23.34 -34.07 -27.28
C GLN A 52 -22.67 -35.00 -26.26
N TYR A 53 -21.71 -35.79 -26.74
CA TYR A 53 -21.06 -36.77 -25.88
C TYR A 53 -20.40 -36.11 -24.68
N LEU A 54 -19.70 -35.00 -24.91
CA LEU A 54 -18.94 -34.38 -23.83
C LEU A 54 -19.86 -33.71 -22.81
N SER A 55 -20.82 -32.92 -23.29
CA SER A 55 -21.65 -32.16 -22.36
C SER A 55 -22.61 -33.05 -21.57
N LEU A 56 -23.00 -34.20 -22.14
CA LEU A 56 -23.79 -35.14 -21.36
C LEU A 56 -22.93 -35.92 -20.37
N THR A 57 -21.72 -36.31 -20.80
CA THR A 57 -20.79 -36.97 -19.88
C THR A 57 -20.39 -36.03 -18.75
N LEU A 58 -20.09 -34.77 -19.10
CA LEU A 58 -19.69 -33.81 -18.07
C LEU A 58 -20.86 -33.48 -17.14
N LEU A 59 -22.08 -33.38 -17.69
CA LEU A 59 -23.24 -33.14 -16.85
C LEU A 59 -23.54 -34.34 -15.97
N HIS A 60 -23.39 -35.55 -16.52
CA HIS A 60 -23.63 -36.77 -15.74
C HIS A 60 -22.72 -36.81 -14.52
N LEU A 61 -21.45 -36.43 -14.68
CA LEU A 61 -20.52 -36.44 -13.55
C LEU A 61 -20.84 -35.30 -12.57
N LEU A 62 -20.92 -34.08 -13.08
CA LEU A 62 -21.07 -32.91 -12.21
C LEU A 62 -22.38 -32.92 -11.45
N LYS A 63 -23.44 -33.51 -12.02
CA LYS A 63 -24.69 -33.64 -11.29
C LYS A 63 -24.56 -34.67 -10.17
N ALA A 64 -23.75 -35.71 -10.38
CA ALA A 64 -23.51 -36.69 -9.32
C ALA A 64 -22.61 -36.11 -8.23
N LEU A 65 -21.76 -35.15 -8.59
CA LEU A 65 -20.88 -34.50 -7.63
C LEU A 65 -21.53 -33.31 -6.92
N SER A 66 -22.78 -33.01 -7.23
CA SER A 66 -23.54 -31.98 -6.54
C SER A 66 -24.77 -32.57 -5.85
N CYS A 67 -24.68 -33.84 -5.46
CA CYS A 67 -25.62 -34.50 -4.58
C CYS A 67 -24.83 -35.32 -3.58
N GLN A 68 -25.53 -35.91 -2.61
CA GLN A 68 -24.85 -36.83 -1.71
C GLN A 68 -24.49 -38.11 -2.44
N GLU A 69 -23.57 -38.87 -1.85
CA GLU A 69 -23.14 -40.11 -2.48
C GLU A 69 -24.27 -41.13 -2.47
N VAL A 70 -24.51 -41.76 -3.63
CA VAL A 70 -25.72 -42.56 -3.84
C VAL A 70 -25.71 -43.88 -3.10
N THR A 71 -24.55 -44.31 -2.60
CA THR A 71 -24.43 -45.35 -1.58
C THR A 71 -23.33 -44.87 -0.64
N ASP A 72 -23.35 -45.35 0.59
CA ASP A 72 -22.54 -44.72 1.62
C ASP A 72 -21.04 -44.85 1.31
N ASP A 73 -20.35 -43.72 1.34
CA ASP A 73 -18.92 -43.61 1.07
C ASP A 73 -18.56 -44.00 -0.36
N GLU A 74 -19.47 -43.79 -1.31
CA GLU A 74 -19.16 -44.17 -2.69
C GLU A 74 -18.02 -43.34 -3.26
N VAL A 75 -17.33 -43.93 -4.23
CA VAL A 75 -16.26 -43.27 -4.97
C VAL A 75 -16.56 -43.44 -6.46
N LEU A 76 -16.74 -42.32 -7.17
CA LEU A 76 -17.11 -42.37 -8.57
C LEU A 76 -15.88 -42.57 -9.45
N ASP A 77 -16.12 -42.73 -10.75
CA ASP A 77 -15.07 -43.05 -11.72
C ASP A 77 -15.29 -42.19 -12.96
N ALA A 78 -14.50 -41.14 -13.11
CA ALA A 78 -14.62 -40.20 -14.22
C ALA A 78 -13.79 -40.58 -15.42
N SER A 79 -13.32 -41.83 -15.50
CA SER A 79 -12.54 -42.26 -16.66
C SER A 79 -13.34 -42.20 -17.96
N CYS A 80 -14.67 -42.27 -17.86
CA CYS A 80 -15.50 -42.08 -19.05
C CYS A 80 -15.27 -40.73 -19.70
N LEU A 81 -14.96 -39.70 -18.90
CA LEU A 81 -14.76 -38.39 -19.50
C LEU A 81 -13.43 -38.34 -20.24
N LEU A 82 -12.36 -38.92 -19.68
CA LEU A 82 -11.10 -39.07 -20.41
C LEU A 82 -11.30 -39.66 -21.80
N ASP A 83 -12.18 -40.66 -21.93
CA ASP A 83 -12.36 -41.31 -23.22
C ASP A 83 -13.05 -40.41 -24.23
N VAL A 84 -14.00 -39.59 -23.77
CA VAL A 84 -14.71 -38.71 -24.69
C VAL A 84 -13.85 -37.52 -25.10
N LEU A 85 -13.00 -37.00 -24.20
CA LEU A 85 -12.07 -35.96 -24.61
C LEU A 85 -11.11 -36.46 -25.69
N ARG A 86 -10.78 -37.75 -25.68
CA ARG A 86 -9.94 -38.30 -26.74
C ARG A 86 -10.69 -38.48 -28.05
N MET A 87 -12.01 -38.45 -28.04
CA MET A 87 -12.77 -38.33 -29.28
C MET A 87 -12.66 -36.94 -29.88
N TYR A 88 -12.33 -35.95 -29.07
CA TYR A 88 -11.93 -34.65 -29.58
C TYR A 88 -10.41 -34.67 -29.79
N ARG A 89 -9.83 -33.51 -30.07
CA ARG A 89 -8.47 -33.42 -30.61
C ARG A 89 -7.37 -33.57 -29.55
N TRP A 90 -7.61 -34.16 -28.38
CA TRP A 90 -6.72 -33.99 -27.24
C TRP A 90 -6.11 -35.31 -26.79
N GLN A 91 -4.77 -35.33 -26.70
CA GLN A 91 -4.02 -36.36 -26.01
C GLN A 91 -2.90 -35.70 -25.21
N ILE A 92 -2.56 -36.28 -24.07
CA ILE A 92 -1.49 -35.73 -23.24
C ILE A 92 -0.15 -36.27 -23.73
N SER A 93 0.79 -35.37 -24.01
CA SER A 93 2.13 -35.74 -24.42
C SER A 93 3.15 -35.70 -23.29
N SER A 94 3.04 -34.71 -22.41
CA SER A 94 4.05 -34.49 -21.38
C SER A 94 3.38 -34.18 -20.05
N PHE A 95 4.20 -34.16 -18.99
CA PHE A 95 3.68 -34.08 -17.64
C PHE A 95 3.01 -32.74 -17.34
N GLU A 96 3.48 -31.65 -17.94
CA GLU A 96 2.92 -30.35 -17.65
C GLU A 96 1.55 -30.13 -18.28
N GLU A 97 1.06 -31.08 -19.08
CA GLU A 97 -0.29 -31.04 -19.58
C GLU A 97 -1.28 -31.74 -18.66
N GLN A 98 -0.79 -32.42 -17.62
CA GLN A 98 -1.64 -32.94 -16.55
C GLN A 98 -1.94 -31.82 -15.55
N ASP A 99 -2.50 -30.74 -16.08
CA ASP A 99 -2.70 -29.50 -15.35
C ASP A 99 -4.19 -29.21 -15.28
N ALA A 100 -4.67 -28.84 -14.08
CA ALA A 100 -6.08 -28.54 -13.92
C ALA A 100 -6.50 -27.34 -14.76
N HIS A 101 -5.60 -26.38 -14.98
CA HIS A 101 -5.93 -25.24 -15.81
C HIS A 101 -5.92 -25.61 -17.29
N GLU A 102 -4.97 -26.46 -17.71
CA GLU A 102 -4.96 -26.94 -19.08
C GLU A 102 -6.24 -27.70 -19.40
N LEU A 103 -6.71 -28.54 -18.48
CA LEU A 103 -7.93 -29.30 -18.72
C LEU A 103 -9.15 -28.40 -18.78
N PHE A 104 -9.17 -27.34 -17.97
CA PHE A 104 -10.26 -26.38 -18.03
C PHE A 104 -10.39 -25.77 -19.42
N HIS A 105 -9.26 -25.54 -20.09
CA HIS A 105 -9.31 -24.99 -21.43
C HIS A 105 -9.60 -26.06 -22.47
N VAL A 106 -9.09 -27.28 -22.26
CA VAL A 106 -9.45 -28.39 -23.14
C VAL A 106 -10.95 -28.62 -23.11
N ILE A 107 -11.57 -28.52 -21.93
CA ILE A 107 -13.00 -28.77 -21.81
C ILE A 107 -13.79 -27.64 -22.46
N THR A 108 -13.51 -26.39 -22.09
CA THR A 108 -14.24 -25.27 -22.67
C THR A 108 -14.07 -25.22 -24.19
N SER A 109 -12.84 -25.43 -24.66
CA SER A 109 -12.61 -25.46 -26.11
C SER A 109 -13.44 -26.55 -26.78
N SER A 110 -13.54 -27.72 -26.14
CA SER A 110 -14.29 -28.81 -26.75
C SER A 110 -15.79 -28.58 -26.66
N LEU A 111 -16.26 -27.89 -25.62
CA LEU A 111 -17.68 -27.53 -25.57
C LEU A 111 -18.04 -26.51 -26.65
N GLU A 112 -17.08 -25.66 -27.03
CA GLU A 112 -17.30 -24.77 -28.17
C GLU A 112 -17.35 -25.56 -29.48
N ASP A 113 -16.66 -26.70 -29.55
CA ASP A 113 -16.80 -27.58 -30.70
C ASP A 113 -18.22 -28.14 -30.81
N GLU A 114 -18.77 -28.60 -29.68
CA GLU A 114 -20.16 -29.07 -29.67
C GLU A 114 -21.13 -27.95 -30.04
N ARG A 115 -20.83 -26.73 -29.62
CA ARG A 115 -21.68 -25.59 -29.95
C ARG A 115 -21.62 -25.28 -31.44
N ASP A 116 -20.41 -25.20 -32.00
CA ASP A 116 -20.28 -24.94 -33.43
C ASP A 116 -20.79 -26.12 -34.26
N GLY A 117 -20.78 -27.33 -33.71
CA GLY A 117 -21.19 -28.50 -34.46
C GLY A 117 -22.69 -28.66 -34.63
N SER A 118 -23.49 -27.77 -34.04
CA SER A 118 -24.94 -27.83 -34.17
C SER A 118 -25.48 -26.48 -34.62
N GLY A 119 -24.79 -25.85 -35.57
CA GLY A 119 -24.97 -24.43 -35.81
C GLY A 119 -26.38 -24.06 -36.24
N SER A 120 -27.16 -25.03 -36.74
CA SER A 120 -28.53 -24.72 -37.12
C SER A 120 -29.41 -24.44 -35.91
N HIS A 121 -29.05 -24.96 -34.74
CA HIS A 121 -29.83 -24.80 -33.52
C HIS A 121 -29.13 -23.83 -32.58
N TRP A 122 -29.90 -22.98 -31.93
CA TRP A 122 -29.31 -22.07 -30.94
C TRP A 122 -28.94 -22.86 -29.70
N LYS A 123 -27.65 -22.94 -29.42
CA LYS A 123 -27.14 -23.46 -28.17
C LYS A 123 -26.50 -22.32 -27.40
N SER A 124 -26.75 -22.26 -26.09
CA SER A 124 -26.34 -21.10 -25.33
C SER A 124 -24.83 -21.11 -25.06
N GLN A 125 -24.31 -19.92 -24.81
CA GLN A 125 -22.89 -19.73 -24.52
C GLN A 125 -22.62 -20.04 -23.04
N HIS A 126 -21.42 -20.58 -22.77
CA HIS A 126 -21.15 -21.08 -21.43
C HIS A 126 -20.84 -19.94 -20.46
N PRO A 127 -21.12 -20.12 -19.16
CA PRO A 127 -21.09 -18.99 -18.23
C PRO A 127 -19.70 -18.52 -17.85
N PHE A 128 -18.63 -19.22 -18.25
CA PHE A 128 -17.29 -18.75 -17.95
C PHE A 128 -16.78 -17.72 -18.95
N HIS A 129 -17.50 -17.49 -20.05
CA HIS A 129 -17.00 -16.68 -21.14
C HIS A 129 -17.13 -15.19 -20.82
N GLY A 130 -16.06 -14.43 -21.05
CA GLY A 130 -16.04 -13.00 -20.82
C GLY A 130 -15.16 -12.30 -21.84
N ARG A 131 -15.15 -10.97 -21.75
CA ARG A 131 -14.40 -10.15 -22.69
C ARG A 131 -13.53 -9.14 -21.96
N LEU A 132 -12.37 -8.86 -22.56
CA LEU A 132 -11.51 -7.75 -22.20
C LEU A 132 -11.70 -6.63 -23.21
N THR A 133 -11.34 -5.41 -22.80
CA THR A 133 -11.37 -4.25 -23.69
C THR A 133 -10.01 -3.58 -23.68
N SER A 134 -9.38 -3.52 -24.85
CA SER A 134 -8.16 -2.74 -25.03
C SER A 134 -8.53 -1.33 -25.46
N ASN A 135 -7.85 -0.34 -24.89
CA ASN A 135 -8.13 1.06 -25.15
C ASN A 135 -6.86 1.86 -24.95
N MET A 136 -6.77 3.00 -25.65
CA MET A 136 -5.59 3.85 -25.55
C MET A 136 -6.05 5.29 -25.42
N VAL A 137 -5.38 6.04 -24.54
CA VAL A 137 -5.66 7.45 -24.31
C VAL A 137 -4.39 8.25 -24.53
N CYS A 138 -4.51 9.39 -25.17
CA CYS A 138 -3.37 10.27 -25.41
C CYS A 138 -3.11 11.11 -24.16
N LYS A 139 -1.87 11.04 -23.65
CA LYS A 139 -1.53 11.80 -22.46
C LYS A 139 -1.63 13.31 -22.70
N HIS A 140 -1.33 13.75 -23.91
CA HIS A 140 -1.21 15.18 -24.19
C HIS A 140 -2.55 15.84 -24.49
N CYS A 141 -3.57 15.08 -24.90
CA CYS A 141 -4.84 15.67 -25.27
C CYS A 141 -6.06 14.90 -24.80
N GLU A 142 -5.90 13.82 -24.02
CA GLU A 142 -7.01 13.14 -23.35
C GLU A 142 -7.93 12.42 -24.33
N HIS A 143 -7.73 12.65 -25.64
CA HIS A 143 -8.45 11.90 -26.66
C HIS A 143 -8.17 10.41 -26.52
N GLN A 144 -9.16 9.58 -26.87
CA GLN A 144 -9.04 8.14 -26.68
C GLN A 144 -9.51 7.40 -27.93
N SER A 145 -9.08 6.15 -28.04
CA SER A 145 -9.26 5.32 -29.22
C SER A 145 -10.54 4.50 -29.11
N PRO A 146 -11.00 3.93 -30.22
CA PRO A 146 -12.06 2.93 -30.14
C PRO A 146 -11.56 1.66 -29.47
N VAL A 147 -12.47 0.96 -28.81
CA VAL A 147 -12.11 -0.22 -28.02
C VAL A 147 -11.91 -1.40 -28.95
N ARG A 148 -10.92 -2.24 -28.61
CA ARG A 148 -10.72 -3.52 -29.25
C ARG A 148 -10.95 -4.62 -28.21
N PHE A 149 -11.61 -5.69 -28.62
CA PHE A 149 -12.06 -6.71 -27.69
C PHE A 149 -11.17 -7.95 -27.73
N ASP A 150 -11.14 -8.66 -26.60
CA ASP A 150 -10.46 -9.94 -26.45
C ASP A 150 -11.29 -10.79 -25.52
N THR A 151 -11.24 -12.11 -25.72
CA THR A 151 -12.10 -13.02 -24.99
C THR A 151 -11.28 -13.91 -24.05
N PHE A 152 -11.93 -14.36 -22.99
CA PHE A 152 -11.27 -15.21 -22.00
C PHE A 152 -12.27 -16.19 -21.40
N ASP A 153 -11.76 -17.36 -21.02
CA ASP A 153 -12.48 -18.30 -20.18
C ASP A 153 -11.96 -18.33 -18.76
N SER A 154 -10.77 -17.78 -18.51
CA SER A 154 -10.20 -17.64 -17.19
C SER A 154 -9.29 -16.43 -17.18
N LEU A 155 -9.19 -15.78 -16.02
CA LEU A 155 -8.24 -14.70 -15.82
C LEU A 155 -6.97 -15.30 -15.25
N SER A 156 -6.02 -15.61 -16.13
CA SER A 156 -4.75 -16.22 -15.74
C SER A 156 -3.79 -15.11 -15.30
N LEU A 157 -3.49 -15.07 -14.00
CA LEU A 157 -2.76 -13.95 -13.41
C LEU A 157 -1.33 -14.36 -13.09
N SER A 158 -0.37 -13.60 -13.62
CA SER A 158 1.00 -13.74 -13.19
C SER A 158 1.17 -13.17 -11.79
N ILE A 159 2.04 -13.79 -11.00
CA ILE A 159 2.22 -13.47 -9.59
C ILE A 159 3.37 -12.47 -9.47
N PRO A 160 3.12 -11.25 -9.02
CA PRO A 160 4.15 -10.20 -9.09
C PRO A 160 5.30 -10.44 -8.12
N ALA A 161 6.41 -9.78 -8.40
CA ALA A 161 7.59 -9.89 -7.57
C ALA A 161 7.54 -8.88 -6.42
N ALA A 162 8.16 -9.24 -5.30
CA ALA A 162 8.02 -8.45 -4.09
C ALA A 162 8.82 -7.16 -4.17
N THR A 163 8.16 -6.05 -3.84
CA THR A 163 8.82 -4.75 -3.75
C THR A 163 9.08 -4.41 -2.29
N TRP A 164 8.06 -3.89 -1.61
CA TRP A 164 8.03 -3.91 -0.16
C TRP A 164 7.37 -5.21 0.28
N GLY A 165 7.75 -5.68 1.47
CA GLY A 165 7.32 -7.00 1.91
C GLY A 165 5.88 -7.10 2.38
N HIS A 166 4.98 -6.28 1.84
CA HIS A 166 3.58 -6.40 2.18
C HIS A 166 3.00 -7.70 1.61
N PRO A 167 1.98 -8.25 2.25
CA PRO A 167 1.37 -9.47 1.72
C PRO A 167 0.75 -9.25 0.34
N LEU A 168 0.81 -10.29 -0.48
CA LEU A 168 0.18 -10.26 -1.79
C LEU A 168 -1.31 -10.51 -1.68
N THR A 169 -2.08 -9.85 -2.53
CA THR A 169 -3.53 -9.98 -2.55
C THR A 169 -4.00 -10.31 -3.96
N LEU A 170 -5.21 -10.85 -4.05
CA LEU A 170 -5.83 -11.03 -5.36
C LEU A 170 -6.10 -9.70 -6.03
N ASP A 171 -6.30 -8.64 -5.24
CA ASP A 171 -6.38 -7.30 -5.79
C ASP A 171 -5.09 -6.95 -6.54
N HIS A 172 -3.94 -7.28 -5.96
CA HIS A 172 -2.65 -6.97 -6.58
C HIS A 172 -2.46 -7.75 -7.87
N CYS A 173 -2.77 -9.05 -7.85
CA CYS A 173 -2.59 -9.86 -9.05
C CYS A 173 -3.56 -9.44 -10.15
N LEU A 174 -4.79 -9.08 -9.78
CA LEU A 174 -5.77 -8.65 -10.78
C LEU A 174 -5.38 -7.30 -11.37
N HIS A 175 -4.99 -6.35 -10.53
CA HIS A 175 -4.55 -5.05 -11.04
C HIS A 175 -3.29 -5.19 -11.88
N HIS A 176 -2.36 -6.05 -11.46
CA HIS A 176 -1.16 -6.29 -12.26
C HIS A 176 -1.50 -6.80 -13.65
N PHE A 177 -2.58 -7.58 -13.78
CA PHE A 177 -2.97 -8.10 -15.08
C PHE A 177 -3.64 -7.04 -15.93
N ILE A 178 -4.50 -6.21 -15.34
CA ILE A 178 -5.21 -5.19 -16.12
C ILE A 178 -4.38 -3.93 -16.27
N SER A 179 -3.46 -3.64 -15.34
CA SER A 179 -2.67 -2.44 -15.45
C SER A 179 -1.82 -2.48 -16.71
N SER A 180 -1.83 -1.38 -17.45
CA SER A 180 -1.20 -1.34 -18.75
C SER A 180 -0.36 -0.07 -18.85
N GLU A 181 0.66 -0.13 -19.70
CA GLU A 181 1.78 0.80 -19.64
C GLU A 181 1.58 2.01 -20.53
N SER A 182 2.47 2.99 -20.34
CA SER A 182 2.57 4.10 -21.28
C SER A 182 3.28 3.64 -22.55
N VAL A 183 2.90 4.24 -23.67
CA VAL A 183 3.43 3.87 -24.98
C VAL A 183 4.01 5.12 -25.63
N ARG A 184 5.00 4.93 -26.50
CA ARG A 184 5.77 6.04 -27.04
C ARG A 184 5.80 5.98 -28.57
N ASP A 185 6.28 7.08 -29.16
CA ASP A 185 6.47 7.24 -30.60
C ASP A 185 5.18 7.07 -31.40
N VAL A 186 4.02 7.29 -30.78
CA VAL A 186 2.74 6.98 -31.39
C VAL A 186 2.10 8.28 -31.88
N VAL A 187 1.57 8.24 -33.11
CA VAL A 187 0.95 9.41 -33.71
C VAL A 187 -0.44 9.62 -33.13
N CYS A 188 -0.82 10.89 -32.95
CA CYS A 188 -2.15 11.26 -32.47
C CYS A 188 -2.83 12.14 -33.49
N ASP A 189 -4.06 11.78 -33.87
CA ASP A 189 -4.78 12.52 -34.88
C ASP A 189 -5.50 13.74 -34.31
N ASN A 190 -5.95 13.68 -33.06
CA ASN A 190 -6.48 14.88 -32.44
C ASN A 190 -5.39 15.93 -32.27
N CYS A 191 -4.16 15.48 -31.97
CA CYS A 191 -3.01 16.37 -32.03
C CYS A 191 -2.59 16.69 -33.46
N THR A 192 -3.10 15.94 -34.44
CA THR A 192 -2.83 16.18 -35.87
C THR A 192 -1.34 16.41 -36.11
N LYS A 193 -0.54 15.47 -35.62
CA LYS A 193 0.89 15.74 -35.41
C LYS A 193 1.78 15.31 -36.56
N ILE A 194 2.68 14.37 -36.29
CA ILE A 194 3.89 14.11 -37.08
C ILE A 194 4.72 15.39 -37.10
N GLU A 195 4.34 16.37 -37.90
CA GLU A 195 5.16 17.57 -38.06
C GLU A 195 4.31 18.69 -38.64
N ALA A 196 4.92 19.58 -39.41
CA ALA A 196 4.23 20.71 -40.02
C ALA A 196 3.22 20.26 -41.07
N LYS A 197 3.02 18.94 -41.20
CA LYS A 197 2.00 18.45 -42.11
C LYS A 197 0.60 18.50 -41.51
N GLY A 198 0.46 18.75 -40.21
CA GLY A 198 -0.80 19.18 -39.65
C GLY A 198 -0.58 20.39 -38.76
N THR A 199 -1.69 20.90 -38.19
CA THR A 199 -1.65 22.17 -37.46
C THR A 199 -2.39 22.05 -36.13
N LEU A 200 -1.93 21.11 -35.30
CA LEU A 200 -2.36 21.05 -33.91
C LEU A 200 -1.21 20.53 -33.06
N ASN A 201 -1.37 20.68 -31.75
CA ASN A 201 -0.34 20.33 -30.78
C ASN A 201 0.05 18.85 -30.85
N ARG A 209 3.84 12.56 -33.23
CA ARG A 209 4.46 11.58 -32.34
C ARG A 209 4.21 11.99 -30.89
N THR A 210 3.57 11.10 -30.13
CA THR A 210 3.08 11.42 -28.80
C THR A 210 3.34 10.22 -27.91
N THR A 211 3.00 10.34 -26.62
CA THR A 211 2.95 9.22 -25.71
C THR A 211 1.49 8.93 -25.37
N PHE A 212 1.09 7.67 -25.55
CA PHE A 212 -0.23 7.20 -25.14
C PHE A 212 -0.11 6.48 -23.80
N VAL A 213 -1.26 6.10 -23.26
CA VAL A 213 -1.33 5.12 -22.17
C VAL A 213 -2.29 4.02 -22.59
N LYS A 214 -1.82 2.78 -22.52
CA LYS A 214 -2.65 1.64 -22.80
C LYS A 214 -3.60 1.41 -21.64
N GLN A 215 -4.88 1.19 -21.92
CA GLN A 215 -5.90 0.98 -20.90
C GLN A 215 -6.59 -0.35 -21.18
N LEU A 216 -6.37 -1.33 -20.30
CA LEU A 216 -6.96 -2.65 -20.43
C LEU A 216 -7.88 -2.90 -19.24
N LYS A 217 -9.16 -3.14 -19.53
CA LYS A 217 -10.16 -3.36 -18.50
C LYS A 217 -11.10 -4.46 -18.95
N LEU A 218 -12.11 -4.74 -18.14
CA LEU A 218 -13.03 -5.85 -18.36
C LEU A 218 -14.31 -5.35 -19.00
N GLY A 219 -14.68 -5.95 -20.13
CA GLY A 219 -15.86 -5.53 -20.87
C GLY A 219 -17.10 -6.34 -20.56
N LYS A 220 -17.03 -7.65 -20.74
CA LYS A 220 -18.09 -8.56 -20.33
C LYS A 220 -17.60 -9.37 -19.15
N LEU A 221 -18.29 -9.28 -18.03
CA LEU A 221 -17.92 -10.08 -16.88
C LEU A 221 -18.76 -11.35 -16.84
N PRO A 222 -18.14 -12.52 -16.68
CA PRO A 222 -18.89 -13.78 -16.82
C PRO A 222 -19.74 -14.06 -15.60
N GLN A 223 -20.64 -15.04 -15.77
CA GLN A 223 -21.46 -15.50 -14.65
C GLN A 223 -20.62 -16.33 -13.68
N CYS A 224 -19.82 -17.25 -14.21
CA CYS A 224 -18.83 -17.99 -13.43
C CYS A 224 -17.45 -17.46 -13.77
N LEU A 225 -16.75 -16.94 -12.77
CA LEU A 225 -15.43 -16.35 -12.97
C LEU A 225 -14.36 -17.32 -12.48
N CYS A 226 -13.46 -17.70 -13.38
CA CYS A 226 -12.32 -18.56 -13.05
C CYS A 226 -11.05 -17.71 -13.03
N ILE A 227 -10.41 -17.64 -11.88
CA ILE A 227 -9.17 -16.92 -11.71
C ILE A 227 -8.05 -17.92 -11.48
N HIS A 228 -6.95 -17.77 -12.21
CA HIS A 228 -5.84 -18.72 -12.16
C HIS A 228 -4.57 -17.99 -11.75
N LEU A 229 -3.89 -18.53 -10.74
CA LEU A 229 -2.60 -18.00 -10.29
C LEU A 229 -1.50 -18.83 -10.93
N GLN A 230 -0.60 -18.16 -11.66
CA GLN A 230 0.43 -18.84 -12.44
C GLN A 230 1.56 -19.28 -11.52
N ARG A 231 1.26 -20.30 -10.71
CA ARG A 231 2.21 -20.79 -9.73
C ARG A 231 3.25 -21.73 -10.31
N LEU A 232 2.95 -22.33 -11.45
CA LEU A 232 3.90 -23.32 -12.03
C LEU A 232 4.47 -22.74 -13.32
N SER A 233 5.76 -22.42 -13.31
CA SER A 233 6.44 -21.89 -14.50
C SER A 233 7.84 -22.49 -14.56
N TRP A 234 8.66 -22.09 -15.51
CA TRP A 234 10.01 -22.69 -15.65
C TRP A 234 11.09 -21.65 -15.34
N SER A 235 12.23 -22.09 -14.80
CA SER A 235 13.33 -21.19 -14.52
C SER A 235 13.95 -20.71 -15.83
N SER A 236 15.04 -19.93 -15.71
CA SER A 236 15.72 -19.45 -16.90
C SER A 236 16.28 -20.60 -17.72
N HIS A 237 16.82 -21.63 -17.05
CA HIS A 237 17.54 -22.68 -17.77
C HIS A 237 16.85 -24.04 -17.66
N GLY A 238 15.56 -24.08 -17.99
CA GLY A 238 14.87 -25.33 -18.21
C GLY A 238 14.54 -26.14 -16.98
N THR A 239 14.40 -25.51 -15.82
CA THR A 239 14.06 -26.25 -14.61
C THR A 239 12.77 -25.71 -14.01
N PRO A 240 12.01 -26.55 -13.30
CA PRO A 240 10.69 -26.12 -12.80
C PRO A 240 10.81 -25.05 -11.73
N LEU A 241 9.99 -24.00 -11.87
CA LEU A 241 9.86 -22.94 -10.89
C LEU A 241 8.44 -22.93 -10.33
N LYS A 242 8.32 -22.99 -9.00
CA LYS A 242 7.03 -22.97 -8.34
C LYS A 242 6.94 -21.74 -7.45
N ARG A 243 5.80 -21.06 -7.51
CA ARG A 243 5.52 -19.93 -6.63
C ARG A 243 4.76 -20.42 -5.41
N HIS A 244 5.37 -20.29 -4.24
CA HIS A 244 4.75 -20.72 -2.98
C HIS A 244 4.10 -19.58 -2.21
N GLU A 245 4.25 -18.35 -2.68
CA GLU A 245 3.80 -17.18 -1.93
C GLU A 245 2.28 -17.21 -1.75
N HIS A 246 1.83 -16.91 -0.54
CA HIS A 246 0.40 -16.84 -0.27
C HIS A 246 -0.18 -15.58 -0.87
N VAL A 247 -1.28 -15.73 -1.61
CA VAL A 247 -2.03 -14.60 -2.16
C VAL A 247 -3.35 -14.53 -1.41
N GLN A 248 -3.57 -13.41 -0.71
CA GLN A 248 -4.73 -13.27 0.15
C GLN A 248 -5.99 -13.02 -0.67
N PHE A 249 -6.97 -13.91 -0.54
CA PHE A 249 -8.24 -13.79 -1.24
C PHE A 249 -9.38 -13.89 -0.23
N ASN A 250 -10.57 -13.48 -0.67
CA ASN A 250 -11.72 -13.38 0.22
C ASN A 250 -12.89 -14.18 -0.34
N GLU A 251 -13.88 -14.42 0.54
CA GLU A 251 -15.07 -15.14 0.13
C GLU A 251 -15.91 -14.33 -0.84
N ASP A 252 -15.99 -13.01 -0.63
CA ASP A 252 -16.71 -12.11 -1.51
C ASP A 252 -15.72 -11.24 -2.27
N LEU A 253 -15.92 -11.10 -3.56
CA LEU A 253 -14.98 -10.42 -4.45
C LEU A 253 -15.73 -9.37 -5.27
N SER A 254 -15.31 -8.11 -5.13
CA SER A 254 -15.85 -7.04 -5.95
C SER A 254 -15.00 -6.90 -7.21
N MET A 255 -15.65 -6.85 -8.37
CA MET A 255 -14.99 -6.65 -9.64
C MET A 255 -15.32 -5.30 -10.26
N ASP A 256 -15.80 -4.35 -9.45
CA ASP A 256 -16.19 -3.04 -9.98
C ASP A 256 -14.98 -2.22 -10.39
N GLU A 257 -13.85 -2.38 -9.69
CA GLU A 257 -12.65 -1.59 -9.98
C GLU A 257 -12.04 -1.93 -11.32
N TYR A 258 -12.46 -3.02 -11.96
CA TYR A 258 -11.87 -3.47 -13.22
C TYR A 258 -12.80 -3.28 -14.41
N LYS A 259 -13.97 -2.67 -14.22
CA LYS A 259 -14.93 -2.51 -15.30
C LYS A 259 -14.44 -1.47 -16.30
N TYR A 260 -14.72 -1.72 -17.58
CA TYR A 260 -14.53 -0.68 -18.58
C TYR A 260 -15.58 0.41 -18.41
N HIS A 261 -16.85 0.02 -18.34
CA HIS A 261 -17.93 0.99 -18.30
C HIS A 261 -17.97 1.71 -16.97
N SER A 262 -18.05 3.04 -17.01
CA SER A 262 -18.08 3.88 -15.81
C SER A 262 -19.54 4.07 -15.40
N ASN A 263 -20.04 3.14 -14.59
CA ASN A 263 -21.40 3.23 -14.08
C ASN A 263 -21.42 2.67 -12.65
N ALA A 264 -22.52 2.90 -11.96
CA ALA A 264 -22.63 2.60 -10.53
C ALA A 264 -23.09 1.19 -10.24
N SER A 265 -23.59 0.45 -11.23
CA SER A 265 -24.08 -0.90 -10.98
C SER A 265 -22.95 -1.82 -10.54
N THR A 266 -23.21 -2.60 -9.50
CA THR A 266 -22.17 -3.39 -8.84
C THR A 266 -22.07 -4.79 -9.44
N TYR A 267 -20.83 -5.27 -9.56
CA TYR A 267 -20.52 -6.63 -9.99
C TYR A 267 -19.81 -7.31 -8.83
N LEU A 268 -20.45 -8.31 -8.24
CA LEU A 268 -19.95 -8.95 -7.03
C LEU A 268 -19.98 -10.47 -7.22
N PHE A 269 -18.93 -11.14 -6.72
CA PHE A 269 -18.78 -12.57 -6.88
C PHE A 269 -18.58 -13.24 -5.53
N ARG A 270 -19.06 -14.48 -5.42
CA ARG A 270 -18.92 -15.29 -4.21
C ARG A 270 -18.12 -16.54 -4.52
N LEU A 271 -17.19 -16.87 -3.63
CA LEU A 271 -16.30 -18.00 -3.85
C LEU A 271 -17.07 -19.32 -3.76
N MET A 272 -16.79 -20.21 -4.71
CA MET A 272 -17.41 -21.54 -4.76
C MET A 272 -16.43 -22.67 -4.51
N ALA A 273 -15.23 -22.59 -5.06
CA ALA A 273 -14.26 -23.66 -4.90
C ALA A 273 -12.85 -23.10 -5.11
N VAL A 274 -11.88 -23.81 -4.53
CA VAL A 274 -10.47 -23.49 -4.70
C VAL A 274 -9.73 -24.77 -5.06
N VAL A 275 -9.06 -24.77 -6.20
CA VAL A 275 -8.16 -25.85 -6.58
C VAL A 275 -6.77 -25.49 -6.10
N VAL A 276 -6.12 -26.41 -5.39
CA VAL A 276 -4.81 -26.19 -4.79
C VAL A 276 -3.84 -27.23 -5.33
N HIS A 277 -2.59 -26.81 -5.55
CA HIS A 277 -1.52 -27.72 -5.92
C HIS A 277 -0.56 -27.84 -4.75
N HIS A 278 -0.30 -29.08 -4.31
CA HIS A 278 0.54 -29.35 -3.15
C HIS A 278 1.81 -30.07 -3.57
N GLY A 279 2.93 -29.70 -2.93
CA GLY A 279 4.20 -30.40 -3.11
C GLY A 279 5.00 -29.87 -4.28
N ASP A 280 5.96 -30.68 -4.72
CA ASP A 280 6.68 -30.40 -5.98
C ASP A 280 6.76 -31.69 -6.77
N MET A 281 7.79 -31.81 -7.62
CA MET A 281 7.91 -32.95 -8.52
C MET A 281 7.93 -34.25 -7.73
N HIS A 282 7.53 -35.34 -8.41
CA HIS A 282 7.32 -36.65 -7.79
C HIS A 282 6.17 -36.62 -6.81
N SER A 283 6.18 -35.68 -5.87
CA SER A 283 5.18 -35.62 -4.80
C SER A 283 3.97 -34.77 -5.15
N GLY A 284 3.97 -34.10 -6.30
CA GLY A 284 2.95 -33.09 -6.56
C GLY A 284 1.55 -33.68 -6.70
N HIS A 285 0.57 -32.91 -6.23
CA HIS A 285 -0.82 -33.36 -6.19
C HIS A 285 -1.75 -32.17 -6.32
N PHE A 286 -2.88 -32.38 -7.01
CA PHE A 286 -3.94 -31.39 -7.08
C PHE A 286 -5.08 -31.77 -6.15
N VAL A 287 -5.66 -30.77 -5.49
CA VAL A 287 -6.67 -30.97 -4.47
C VAL A 287 -7.64 -29.80 -4.52
N THR A 288 -8.82 -29.99 -3.92
CA THR A 288 -9.90 -29.02 -4.08
C THR A 288 -10.65 -28.77 -2.79
N TYR A 289 -10.75 -27.49 -2.41
CA TYR A 289 -11.73 -27.03 -1.44
C TYR A 289 -12.99 -26.61 -2.17
N ARG A 290 -14.15 -26.93 -1.60
CA ARG A 290 -15.41 -26.60 -2.25
C ARG A 290 -16.52 -26.54 -1.22
N ARG A 291 -17.60 -25.84 -1.59
CA ARG A 291 -18.80 -25.81 -0.76
C ARG A 291 -19.53 -27.14 -0.84
N SER A 292 -20.28 -27.44 0.20
CA SER A 292 -21.13 -28.62 0.16
C SER A 292 -22.37 -28.32 -0.69
N PRO A 293 -22.83 -29.29 -1.49
CA PRO A 293 -24.00 -29.04 -2.31
C PRO A 293 -25.25 -29.02 -1.48
N PRO A 294 -26.23 -28.20 -1.83
CA PRO A 294 -27.50 -28.16 -1.08
C PRO A 294 -28.28 -29.45 -1.23
N SER A 295 -29.26 -29.63 -0.35
CA SER A 295 -30.06 -30.84 -0.34
C SER A 295 -31.15 -30.78 -1.41
N ALA A 296 -31.72 -31.96 -1.72
CA ALA A 296 -32.83 -32.03 -2.66
C ALA A 296 -34.03 -31.23 -2.17
N ARG A 297 -34.14 -31.01 -0.87
CA ARG A 297 -34.94 -29.92 -0.34
C ARG A 297 -34.01 -28.72 -0.15
N ASN A 298 -34.50 -27.55 -0.49
CA ASN A 298 -33.67 -26.36 -0.67
C ASN A 298 -32.55 -26.58 -1.68
N PRO A 299 -32.83 -27.07 -2.89
CA PRO A 299 -31.76 -27.12 -3.90
C PRO A 299 -31.28 -25.76 -4.30
N LEU A 300 -32.03 -24.70 -3.97
CA LEU A 300 -31.74 -23.37 -4.48
C LEU A 300 -30.87 -22.58 -3.51
N SER A 301 -30.83 -22.99 -2.24
CA SER A 301 -30.10 -22.29 -1.19
C SER A 301 -28.76 -22.96 -0.99
N THR A 302 -27.68 -22.28 -1.39
CA THR A 302 -26.34 -22.83 -1.22
C THR A 302 -25.94 -22.83 0.25
N SER A 303 -24.84 -23.52 0.54
CA SER A 303 -24.44 -23.82 1.91
C SER A 303 -23.20 -23.04 2.32
N ASN A 304 -22.93 -23.05 3.62
CA ASN A 304 -21.74 -22.43 4.20
C ASN A 304 -20.88 -23.45 4.93
N GLN A 305 -20.98 -24.71 4.55
CA GLN A 305 -20.10 -25.77 5.05
C GLN A 305 -19.14 -26.16 3.93
N TRP A 306 -17.86 -25.96 4.16
CA TRP A 306 -16.85 -26.24 3.15
C TRP A 306 -16.36 -27.68 3.25
N LEU A 307 -15.73 -28.14 2.18
CA LEU A 307 -15.19 -29.49 2.11
C LEU A 307 -13.79 -29.47 1.52
N TRP A 308 -13.01 -30.48 1.89
CA TRP A 308 -11.69 -30.73 1.30
C TRP A 308 -11.76 -32.09 0.63
N VAL A 309 -11.51 -32.11 -0.69
CA VAL A 309 -11.67 -33.31 -1.50
C VAL A 309 -10.34 -33.63 -2.16
N SER A 310 -9.85 -34.85 -1.95
CA SER A 310 -8.59 -35.33 -2.50
C SER A 310 -8.84 -36.70 -3.12
N ASP A 311 -9.21 -36.70 -4.40
CA ASP A 311 -9.57 -37.92 -5.12
C ASP A 311 -10.66 -38.68 -4.37
N ASP A 312 -10.30 -39.83 -3.80
CA ASP A 312 -11.29 -40.66 -3.11
C ASP A 312 -11.64 -40.16 -1.72
N THR A 313 -10.89 -39.20 -1.18
CA THR A 313 -11.04 -38.77 0.20
C THR A 313 -11.79 -37.45 0.26
N VAL A 314 -12.77 -37.37 1.16
CA VAL A 314 -13.58 -36.18 1.36
C VAL A 314 -13.61 -35.86 2.85
N ARG A 315 -13.53 -34.56 3.18
CA ARG A 315 -13.36 -34.13 4.55
C ARG A 315 -14.01 -32.76 4.74
N LYS A 316 -14.62 -32.53 5.89
CA LYS A 316 -15.17 -31.23 6.22
C LYS A 316 -14.05 -30.23 6.47
N ALA A 317 -14.24 -28.99 6.01
CA ALA A 317 -13.24 -27.96 6.16
C ALA A 317 -13.89 -26.66 6.63
N SER A 318 -13.09 -25.87 7.35
CA SER A 318 -13.51 -24.54 7.76
C SER A 318 -13.11 -23.52 6.71
N LEU A 319 -13.78 -22.37 6.73
CA LEU A 319 -13.45 -21.31 5.77
C LEU A 319 -12.05 -20.77 6.02
N GLN A 320 -11.61 -20.73 7.29
CA GLN A 320 -10.26 -20.32 7.59
C GLN A 320 -9.24 -21.21 6.90
N GLU A 321 -9.54 -22.51 6.79
CA GLU A 321 -8.67 -23.42 6.06
C GLU A 321 -8.64 -23.10 4.58
N VAL A 322 -9.80 -22.80 3.99
CA VAL A 322 -9.86 -22.48 2.57
C VAL A 322 -9.11 -21.19 2.28
N LEU A 323 -9.33 -20.17 3.12
CA LEU A 323 -8.73 -18.86 2.86
C LEU A 323 -7.23 -18.87 3.08
N SER A 324 -6.73 -19.75 3.94
CA SER A 324 -5.30 -19.83 4.22
C SER A 324 -4.55 -20.72 3.24
N SER A 325 -5.25 -21.33 2.29
CA SER A 325 -4.61 -22.24 1.34
C SER A 325 -3.83 -21.47 0.29
N SER A 326 -3.08 -22.20 -0.52
CA SER A 326 -2.26 -21.63 -1.59
C SER A 326 -2.99 -21.89 -2.91
N ALA A 327 -3.82 -20.93 -3.31
CA ALA A 327 -4.79 -21.17 -4.38
C ALA A 327 -4.10 -21.29 -5.74
N TYR A 328 -4.59 -22.23 -6.54
CA TYR A 328 -4.20 -22.39 -7.94
C TYR A 328 -5.31 -21.93 -8.88
N LEU A 329 -6.53 -22.43 -8.68
CA LEU A 329 -7.71 -21.94 -9.36
C LEU A 329 -8.74 -21.50 -8.34
N LEU A 330 -9.31 -20.31 -8.53
CA LEU A 330 -10.39 -19.81 -7.69
C LEU A 330 -11.64 -19.72 -8.54
N PHE A 331 -12.69 -20.45 -8.14
CA PHE A 331 -13.96 -20.47 -8.86
C PHE A 331 -14.95 -19.58 -8.14
N TYR A 332 -15.26 -18.43 -8.76
CA TYR A 332 -16.19 -17.45 -8.22
C TYR A 332 -17.47 -17.46 -9.04
N GLU A 333 -18.58 -17.18 -8.38
CA GLU A 333 -19.87 -17.12 -9.07
C GLU A 333 -20.56 -15.79 -8.76
N ARG A 334 -21.15 -15.21 -9.79
CA ARG A 334 -21.81 -13.91 -9.68
C ARG A 334 -22.99 -13.99 -8.72
N VAL A 335 -23.03 -13.07 -7.76
CA VAL A 335 -24.15 -12.92 -6.84
C VAL A 335 -24.58 -11.46 -6.85
N LEU A 336 -25.86 -11.23 -6.54
CA LEU A 336 -26.43 -9.90 -6.67
C LEU A 336 -26.09 -9.03 -5.45
N GLU A 337 -26.42 -9.50 -4.25
CA GLU A 337 -26.22 -8.69 -3.06
C GLU A 337 -25.60 -9.54 -1.96
N VAL A 338 -25.19 -8.86 -0.89
CA VAL A 338 -24.23 -9.42 0.06
C VAL A 338 -24.84 -10.46 0.99
N LEU A 339 -26.16 -10.48 1.14
CA LEU A 339 -26.78 -11.31 2.18
C LEU A 339 -26.46 -12.78 1.94
N PHE A 340 -26.20 -13.50 3.02
CA PHE A 340 -25.61 -14.83 2.95
C PHE A 340 -26.23 -15.80 3.95
N VAL B 2 9.84 -8.11 20.91
CA VAL B 2 10.57 -8.37 19.68
C VAL B 2 10.91 -7.06 18.99
N GLN B 3 12.20 -6.75 18.92
CA GLN B 3 12.66 -5.44 18.48
C GLN B 3 13.61 -5.58 17.29
N LEU B 4 13.76 -4.47 16.56
CA LEU B 4 14.68 -4.33 15.44
C LEU B 4 15.64 -3.22 15.84
N GLN B 5 16.67 -3.58 16.61
CA GLN B 5 17.47 -2.60 17.32
C GLN B 5 18.51 -1.94 16.41
N GLN B 6 18.83 -0.68 16.73
CA GLN B 6 19.67 0.16 15.90
C GLN B 6 20.84 0.72 16.69
N SER B 7 21.85 1.17 15.95
CA SER B 7 23.03 1.81 16.53
C SER B 7 22.73 3.26 16.91
N GLY B 8 23.58 3.81 17.77
CA GLY B 8 23.40 5.17 18.23
C GLY B 8 23.85 6.21 17.21
N ALA B 9 23.62 7.47 17.57
CA ALA B 9 23.94 8.58 16.70
C ALA B 9 25.42 8.97 16.84
N GLU B 10 25.90 9.75 15.87
CA GLU B 10 27.26 10.27 15.90
C GLU B 10 27.38 11.38 14.86
N LEU B 11 28.44 12.17 14.99
CA LEU B 11 28.70 13.33 14.15
C LEU B 11 30.01 13.15 13.39
N VAL B 12 30.04 13.66 12.15
CA VAL B 12 31.24 13.70 11.34
C VAL B 12 31.27 15.00 10.54
N ARG B 13 32.45 15.34 10.05
CA ARG B 13 32.60 16.50 9.16
C ARG B 13 32.12 16.16 7.75
N PRO B 14 31.80 17.17 6.95
CA PRO B 14 31.46 16.89 5.55
C PRO B 14 32.67 16.33 4.80
N GLY B 15 32.40 15.55 3.77
CA GLY B 15 33.42 14.87 3.02
C GLY B 15 33.92 13.57 3.62
N ALA B 16 33.50 13.23 4.84
CA ALA B 16 33.94 12.00 5.48
C ALA B 16 33.16 10.80 4.94
N SER B 17 32.99 9.76 5.76
CA SER B 17 32.20 8.59 5.41
C SER B 17 31.82 7.86 6.69
N VAL B 18 30.62 7.26 6.68
CA VAL B 18 29.99 6.73 7.88
C VAL B 18 29.41 5.34 7.61
N LYS B 19 29.15 4.62 8.70
CA LYS B 19 28.50 3.31 8.69
C LYS B 19 27.46 3.27 9.80
N LEU B 20 26.27 2.76 9.50
CA LEU B 20 25.20 2.58 10.48
C LEU B 20 24.81 1.12 10.56
N SER B 21 24.22 0.73 11.69
CA SER B 21 23.97 -0.67 12.00
C SER B 21 22.55 -0.90 12.49
N CYS B 22 22.02 -2.09 12.20
CA CYS B 22 20.74 -2.56 12.69
C CYS B 22 20.80 -4.06 12.98
N THR B 23 20.19 -4.47 14.08
CA THR B 23 20.32 -5.84 14.58
C THR B 23 18.98 -6.34 15.08
N GLY B 24 18.71 -7.63 14.84
CA GLY B 24 17.51 -8.26 15.33
C GLY B 24 17.64 -8.74 16.76
N SER B 25 16.50 -9.20 17.31
CA SER B 25 16.44 -9.57 18.72
C SER B 25 15.48 -10.73 18.98
N GLY B 26 14.57 -10.98 18.07
CA GLY B 26 13.63 -12.09 18.23
C GLY B 26 13.39 -12.80 16.92
N PHE B 27 14.29 -12.58 15.97
CA PHE B 27 14.15 -13.12 14.62
C PHE B 27 15.51 -13.07 13.95
N ASN B 28 15.63 -13.81 12.84
CA ASN B 28 16.83 -13.82 12.03
C ASN B 28 16.57 -12.96 10.80
N ILE B 29 17.43 -11.95 10.58
CA ILE B 29 17.21 -11.02 9.48
C ILE B 29 17.32 -11.71 8.13
N LYS B 30 17.87 -12.92 8.09
CA LYS B 30 17.96 -13.67 6.85
C LYS B 30 16.58 -14.10 6.35
N ASP B 31 15.56 -14.08 7.20
CA ASP B 31 14.25 -14.60 6.82
C ASP B 31 13.60 -13.74 5.73
N THR B 32 13.78 -12.42 5.79
CA THR B 32 12.95 -11.52 5.01
C THR B 32 13.76 -10.30 4.63
N TYR B 33 13.32 -9.64 3.55
CA TYR B 33 13.90 -8.41 3.04
C TYR B 33 14.01 -7.34 4.14
N MET B 34 14.90 -6.36 3.94
CA MET B 34 15.04 -5.24 4.85
C MET B 34 15.30 -3.96 4.07
N HIS B 35 14.74 -2.85 4.56
CA HIS B 35 14.85 -1.56 3.91
C HIS B 35 15.55 -0.56 4.83
N TRP B 36 16.13 0.46 4.23
CA TRP B 36 16.55 1.67 4.92
C TRP B 36 15.84 2.85 4.28
N VAL B 37 15.37 3.78 5.11
CA VAL B 37 14.74 5.01 4.62
C VAL B 37 15.29 6.19 5.41
N LYS B 38 15.42 7.33 4.73
CA LYS B 38 15.84 8.58 5.35
C LYS B 38 14.61 9.42 5.70
N GLN B 39 14.69 10.15 6.81
CA GLN B 39 13.65 11.09 7.19
C GLN B 39 14.26 12.41 7.62
N ARG B 40 13.69 13.50 7.13
CA ARG B 40 14.02 14.85 7.55
C ARG B 40 12.81 15.72 7.30
N PRO B 41 12.62 16.79 8.08
CA PRO B 41 11.29 17.41 8.17
C PRO B 41 10.75 18.01 6.89
N GLU B 42 11.58 18.62 6.05
CA GLU B 42 11.04 19.28 4.86
C GLU B 42 10.90 18.31 3.68
N GLN B 43 11.96 17.57 3.36
CA GLN B 43 11.91 16.67 2.21
C GLN B 43 11.18 15.36 2.53
N GLY B 44 11.02 15.04 3.81
CA GLY B 44 10.15 13.94 4.19
C GLY B 44 10.87 12.60 4.22
N LEU B 45 10.08 11.54 4.07
CA LEU B 45 10.59 10.17 4.06
C LEU B 45 11.08 9.80 2.67
N GLU B 46 12.30 9.25 2.60
CA GLU B 46 12.91 8.87 1.33
C GLU B 46 13.49 7.47 1.45
N TRP B 47 12.98 6.56 0.61
CA TRP B 47 13.51 5.21 0.54
C TRP B 47 14.86 5.22 -0.18
N ILE B 48 15.85 4.53 0.39
CA ILE B 48 17.19 4.57 -0.18
C ILE B 48 17.51 3.25 -0.86
N GLY B 49 17.01 2.15 -0.34
CA GLY B 49 17.40 0.86 -0.89
C GLY B 49 16.78 -0.28 -0.12
N ARG B 50 17.05 -1.48 -0.66
CA ARG B 50 16.41 -2.71 -0.22
C ARG B 50 17.43 -3.84 -0.33
N ILE B 51 17.54 -4.65 0.73
CA ILE B 51 18.51 -5.75 0.76
C ILE B 51 17.81 -7.05 1.11
N ASP B 52 18.21 -8.12 0.43
CA ASP B 52 17.83 -9.49 0.76
C ASP B 52 18.98 -10.11 1.55
N PRO B 53 18.92 -10.09 2.89
CA PRO B 53 20.09 -10.51 3.69
C PRO B 53 20.52 -11.94 3.46
N ALA B 54 19.72 -12.76 2.78
CA ALA B 54 20.12 -14.14 2.52
C ALA B 54 21.22 -14.23 1.48
N ASN B 55 21.47 -13.15 0.74
CA ASN B 55 22.47 -13.14 -0.32
C ASN B 55 22.93 -11.69 -0.51
N GLY B 56 23.66 -11.45 -1.59
CA GLY B 56 24.22 -10.15 -1.84
C GLY B 56 23.36 -9.20 -2.64
N ASN B 57 22.12 -9.58 -2.96
CA ASN B 57 21.28 -8.75 -3.82
C ASN B 57 20.83 -7.49 -3.09
N THR B 58 21.11 -6.34 -3.70
CA THR B 58 20.70 -5.04 -3.18
C THR B 58 20.11 -4.22 -4.30
N LYS B 59 18.96 -3.60 -4.05
CA LYS B 59 18.30 -2.71 -5.00
C LYS B 59 18.28 -1.30 -4.43
N TYR B 60 18.66 -0.32 -5.24
CA TYR B 60 18.82 1.06 -4.78
C TYR B 60 17.94 2.03 -5.55
N ASP B 61 17.62 3.15 -4.88
CA ASP B 61 17.17 4.35 -5.56
C ASP B 61 18.37 4.95 -6.30
N PRO B 62 18.25 5.25 -7.59
CA PRO B 62 19.45 5.65 -8.37
C PRO B 62 20.02 7.01 -7.99
N LYS B 63 19.31 7.81 -7.19
CA LYS B 63 19.90 9.02 -6.63
C LYS B 63 20.93 8.71 -5.55
N PHE B 64 20.85 7.53 -4.94
CA PHE B 64 21.77 7.11 -3.89
C PHE B 64 22.78 6.07 -4.36
N GLN B 65 22.64 5.56 -5.59
CA GLN B 65 23.31 4.31 -5.97
C GLN B 65 24.83 4.41 -5.92
N GLY B 66 25.39 5.58 -6.21
CA GLY B 66 26.83 5.72 -6.22
C GLY B 66 27.38 6.36 -4.96
N LYS B 67 26.57 6.37 -3.89
CA LYS B 67 26.91 7.06 -2.65
C LYS B 67 26.48 6.32 -1.39
N ALA B 68 25.40 5.54 -1.42
CA ALA B 68 25.07 4.63 -0.33
C ALA B 68 25.49 3.20 -0.70
N THR B 69 25.61 2.36 0.32
CA THR B 69 26.08 0.99 0.13
C THR B 69 25.52 0.12 1.25
N MET B 70 24.94 -1.02 0.88
CA MET B 70 24.19 -1.85 1.82
C MET B 70 24.87 -3.21 1.97
N THR B 71 25.06 -3.64 3.22
CA THR B 71 25.73 -4.89 3.56
C THR B 71 25.00 -5.55 4.72
N ALA B 72 25.39 -6.79 5.03
CA ALA B 72 24.76 -7.54 6.10
C ALA B 72 25.62 -8.72 6.50
N ASP B 73 25.36 -9.23 7.71
CA ASP B 73 26.00 -10.41 8.25
C ASP B 73 24.98 -11.22 9.04
N THR B 74 25.04 -12.55 8.91
CA THR B 74 24.03 -13.43 9.46
C THR B 74 24.33 -13.84 10.91
N SER B 75 25.57 -14.22 11.20
CA SER B 75 25.91 -14.72 12.53
C SER B 75 25.72 -13.64 13.58
N SER B 76 26.07 -12.40 13.26
CA SER B 76 25.81 -11.29 14.16
C SER B 76 24.41 -10.73 14.03
N ASN B 77 23.60 -11.25 13.10
CA ASN B 77 22.21 -10.85 12.92
C ASN B 77 22.09 -9.34 12.71
N THR B 78 22.92 -8.81 11.81
CA THR B 78 23.06 -7.37 11.70
C THR B 78 23.27 -6.95 10.25
N ALA B 79 22.61 -5.85 9.86
CA ALA B 79 22.77 -5.23 8.55
C ALA B 79 23.39 -3.85 8.71
N TYR B 80 24.18 -3.44 7.72
CA TYR B 80 24.91 -2.19 7.76
C TYR B 80 24.54 -1.31 6.58
N LEU B 81 24.47 0.00 6.81
CA LEU B 81 24.30 1.00 5.76
C LEU B 81 25.50 1.93 5.79
N GLN B 82 26.19 2.03 4.65
CA GLN B 82 27.39 2.85 4.52
C GLN B 82 27.08 4.09 3.70
N LEU B 83 27.50 5.25 4.21
CA LEU B 83 27.24 6.53 3.58
C LEU B 83 28.55 7.23 3.28
N SER B 84 28.67 7.81 2.09
CA SER B 84 29.94 8.31 1.58
C SER B 84 29.83 9.78 1.19
N SER B 85 30.92 10.51 1.43
CA SER B 85 31.09 11.90 1.00
C SER B 85 29.89 12.76 1.44
N LEU B 86 29.78 12.91 2.77
CA LEU B 86 28.57 13.50 3.31
C LEU B 86 28.57 15.02 3.15
N THR B 87 27.35 15.56 3.12
CA THR B 87 27.07 16.98 3.07
C THR B 87 25.94 17.26 4.06
N SER B 88 25.65 18.55 4.26
CA SER B 88 24.58 18.92 5.18
C SER B 88 23.24 18.34 4.74
N GLU B 89 23.05 18.14 3.44
CA GLU B 89 21.82 17.52 2.94
C GLU B 89 21.67 16.07 3.36
N ASP B 90 22.72 15.46 3.90
CA ASP B 90 22.64 14.09 4.41
C ASP B 90 22.31 14.02 5.89
N THR B 91 22.36 15.16 6.60
CA THR B 91 21.88 15.25 7.98
C THR B 91 20.42 14.81 8.06
N ALA B 92 20.16 13.67 8.68
CA ALA B 92 18.80 13.13 8.73
C ALA B 92 18.76 12.00 9.75
N VAL B 93 17.54 11.48 9.97
CA VAL B 93 17.31 10.28 10.76
C VAL B 93 17.11 9.11 9.81
N TYR B 94 17.73 7.98 10.11
CA TYR B 94 17.73 6.82 9.24
C TYR B 94 17.10 5.64 9.96
N TYR B 95 16.12 5.01 9.33
CA TYR B 95 15.43 3.85 9.88
C TYR B 95 15.72 2.60 9.07
N CYS B 96 15.78 1.48 9.79
CA CYS B 96 15.68 0.15 9.21
C CYS B 96 14.23 -0.31 9.26
N ALA B 97 13.89 -1.26 8.40
CA ALA B 97 12.53 -1.78 8.36
C ALA B 97 12.54 -3.24 7.93
N ARG B 98 11.81 -4.07 8.66
CA ARG B 98 11.60 -5.47 8.30
C ARG B 98 10.10 -5.72 8.19
N PRO B 99 9.61 -6.18 7.04
CA PRO B 99 8.16 -6.35 6.88
C PRO B 99 7.64 -7.62 7.55
N ASP B 100 6.39 -7.56 7.96
CA ASP B 100 5.67 -8.70 8.52
C ASP B 100 4.29 -8.78 7.90
N GLY B 101 3.74 -10.00 7.86
CA GLY B 101 2.48 -10.24 7.18
C GLY B 101 1.27 -10.18 8.08
N TYR B 102 1.43 -10.52 9.36
CA TYR B 102 0.35 -10.43 10.33
C TYR B 102 0.40 -9.11 11.09
N TYR B 103 1.48 -8.86 11.82
CA TYR B 103 1.70 -7.56 12.42
C TYR B 103 2.10 -6.56 11.33
N GLY B 104 2.08 -5.28 11.70
CA GLY B 104 2.72 -4.28 10.86
C GLY B 104 4.22 -4.54 10.75
N ASP B 105 4.84 -3.88 9.77
CA ASP B 105 6.27 -4.09 9.59
C ASP B 105 7.05 -3.53 10.80
N TYR B 106 8.18 -4.17 11.08
CA TYR B 106 9.01 -3.75 12.20
C TYR B 106 9.88 -2.57 11.78
N TRP B 107 9.83 -1.51 12.58
CA TRP B 107 10.79 -0.42 12.49
C TRP B 107 11.60 -0.39 13.78
N GLY B 108 12.81 0.11 13.69
CA GLY B 108 13.61 0.29 14.87
C GLY B 108 13.50 1.68 15.44
N GLN B 109 14.11 1.86 16.61
CA GLN B 109 14.35 3.21 17.10
C GLN B 109 15.29 3.92 16.13
N GLY B 110 15.07 5.22 15.97
CA GLY B 110 15.79 5.97 14.96
C GLY B 110 17.28 6.07 15.25
N THR B 111 18.03 6.29 14.18
CA THR B 111 19.45 6.64 14.26
C THR B 111 19.62 8.00 13.61
N THR B 112 19.98 9.00 14.41
CA THR B 112 20.19 10.35 13.91
C THR B 112 21.62 10.48 13.40
N LEU B 113 21.78 11.22 12.30
CA LEU B 113 23.10 11.49 11.75
C LEU B 113 23.21 12.98 11.46
N THR B 114 24.31 13.58 11.90
CA THR B 114 24.50 15.02 11.78
C THR B 114 25.91 15.30 11.29
N VAL B 115 26.04 16.23 10.34
CA VAL B 115 27.32 16.63 9.80
C VAL B 115 27.43 18.15 9.82
N SER B 116 28.61 18.64 10.23
CA SER B 116 28.90 20.06 10.30
C SER B 116 30.36 20.21 10.70
N SER B 117 30.93 21.35 10.32
CA SER B 117 32.26 21.75 10.82
C SER B 117 32.05 22.43 12.16
N ALA B 118 31.95 21.59 13.20
CA ALA B 118 31.59 22.02 14.55
C ALA B 118 32.50 23.13 15.08
N THR B 120 31.93 21.87 18.72
CA THR B 120 31.35 21.88 20.05
C THR B 120 31.30 23.30 20.61
N THR B 121 30.26 23.62 21.36
CA THR B 121 30.11 24.95 21.95
C THR B 121 29.03 24.89 23.03
N ALA B 122 29.40 25.23 24.26
CA ALA B 122 28.40 25.38 25.30
C ALA B 122 27.91 26.83 25.32
N PRO B 123 26.61 27.02 25.44
CA PRO B 123 26.03 28.36 25.28
C PRO B 123 26.13 29.12 26.60
N SER B 124 25.72 30.39 26.53
CA SER B 124 25.41 31.21 27.69
C SER B 124 23.94 31.58 27.60
N VAL B 125 23.25 31.59 28.74
CA VAL B 125 21.81 31.78 28.78
C VAL B 125 21.49 33.22 29.17
N TYR B 126 20.52 33.80 28.48
CA TYR B 126 20.25 35.24 28.54
C TYR B 126 18.80 35.47 28.92
N PRO B 127 18.51 36.04 30.09
CA PRO B 127 17.11 36.26 30.49
C PRO B 127 16.45 37.30 29.62
N LEU B 128 15.12 37.25 29.61
CA LEU B 128 14.29 38.08 28.73
C LEU B 128 13.17 38.75 29.53
N ALA B 129 13.58 39.56 30.52
CA ALA B 129 12.63 40.23 31.39
C ALA B 129 12.37 41.64 30.90
N PRO B 130 11.10 42.04 30.72
CA PRO B 130 10.78 43.41 30.27
C PRO B 130 10.68 44.38 31.44
N VAL B 131 11.82 44.62 32.09
CA VAL B 131 11.85 45.45 33.29
C VAL B 131 11.44 46.87 32.97
N CYS B 132 11.99 47.43 31.89
CA CYS B 132 11.61 48.78 31.48
C CYS B 132 10.18 48.87 30.96
N GLY B 133 9.46 47.75 30.90
CA GLY B 133 8.06 47.75 30.53
C GLY B 133 7.15 48.11 31.68
N ASP B 134 5.95 47.54 31.68
CA ASP B 134 4.94 47.86 32.67
C ASP B 134 4.31 46.60 33.22
N THR B 135 4.04 46.60 34.53
CA THR B 135 3.42 45.45 35.19
C THR B 135 2.04 45.15 34.64
N THR B 136 1.35 46.16 34.09
CA THR B 136 0.08 45.97 33.38
C THR B 136 -0.99 45.31 34.26
N SER B 138 0.21 39.66 38.03
CA SER B 138 -0.61 40.10 36.90
C SER B 138 -0.45 39.14 35.73
N SER B 139 -1.05 39.49 34.60
CA SER B 139 -1.07 38.62 33.43
C SER B 139 0.03 39.03 32.45
N VAL B 140 1.27 38.69 32.83
CA VAL B 140 2.46 38.99 32.05
C VAL B 140 3.35 37.74 32.02
N THR B 141 4.28 37.74 31.06
CA THR B 141 5.08 36.56 30.77
C THR B 141 6.56 36.93 30.69
N LEU B 142 7.41 35.91 30.84
CA LEU B 142 8.86 36.07 30.84
C LEU B 142 9.49 34.87 30.14
N GLY B 143 10.82 34.87 30.07
CA GLY B 143 11.51 33.77 29.42
C GLY B 143 13.01 33.99 29.38
N CYS B 144 13.68 33.13 28.61
CA CYS B 144 15.13 33.17 28.44
C CYS B 144 15.51 32.35 27.22
N LEU B 145 16.76 32.53 26.77
CA LEU B 145 17.27 31.85 25.59
C LEU B 145 18.70 31.37 25.84
N VAL B 146 19.08 30.31 25.12
CA VAL B 146 20.46 29.85 25.04
C VAL B 146 20.94 30.06 23.61
N LYS B 147 22.08 30.73 23.46
CA LYS B 147 22.56 31.17 22.16
C LYS B 147 23.73 30.32 21.68
N GLY B 148 23.65 29.89 20.43
CA GLY B 148 24.77 29.28 19.73
C GLY B 148 25.42 28.09 20.41
N TYR B 149 24.82 26.90 20.31
CA TYR B 149 25.38 25.72 20.93
C TYR B 149 25.50 24.58 19.94
N PHE B 150 26.33 23.61 20.30
CA PHE B 150 26.65 22.42 19.52
C PHE B 150 27.35 21.40 20.41
N PRO B 151 27.08 20.10 20.25
CA PRO B 151 26.13 19.51 19.31
C PRO B 151 24.68 19.62 19.76
N PRO B 153 19.63 19.20 22.64
CA PRO B 153 20.55 18.44 23.52
C PRO B 153 20.87 19.21 24.79
N VAL B 154 19.85 19.78 25.45
CA VAL B 154 20.06 20.62 26.61
C VAL B 154 18.86 20.46 27.54
N THR B 155 19.11 20.63 28.84
CA THR B 155 18.08 20.49 29.86
C THR B 155 17.12 21.69 29.84
N SER B 164 5.59 22.61 37.66
CA SER B 164 6.35 22.98 36.48
C SER B 164 5.46 23.68 35.45
N SER B 165 4.21 23.93 35.84
CA SER B 165 3.20 24.37 34.89
C SER B 165 3.42 25.83 34.48
N GLY B 166 2.72 26.21 33.40
CA GLY B 166 2.79 27.56 32.87
C GLY B 166 3.82 27.78 31.80
N VAL B 167 4.67 26.79 31.52
CA VAL B 167 5.85 26.96 30.68
C VAL B 167 5.56 26.48 29.26
N HIS B 168 6.24 27.09 28.30
CA HIS B 168 6.30 26.61 26.93
C HIS B 168 7.74 26.67 26.45
N THR B 169 8.18 25.61 25.76
CA THR B 169 9.53 25.54 25.22
C THR B 169 9.47 25.31 23.72
N PHE B 170 10.24 26.09 22.98
CA PHE B 170 10.31 26.08 21.53
C PHE B 170 11.49 25.25 21.05
N PRO B 171 11.33 24.51 19.95
CA PRO B 171 12.40 23.63 19.49
C PRO B 171 13.61 24.41 18.98
N ALA B 172 14.74 23.71 18.93
CA ALA B 172 16.00 24.33 18.55
C ALA B 172 16.02 24.67 17.07
N VAL B 173 16.80 25.70 16.72
CA VAL B 173 16.95 26.17 15.35
C VAL B 173 18.43 26.37 15.09
N LEU B 174 18.91 25.82 13.96
CA LEU B 174 20.29 26.04 13.50
C LEU B 174 20.45 27.47 13.02
N GLN B 175 21.05 28.31 13.86
CA GLN B 175 21.34 29.69 13.46
C GLN B 175 22.27 29.70 12.24
N SER B 176 23.43 29.05 12.37
CA SER B 176 24.35 28.79 11.26
C SER B 176 25.46 27.87 11.76
N ASP B 177 25.28 26.57 11.57
CA ASP B 177 26.18 25.54 12.08
C ASP B 177 26.30 25.58 13.61
N LEU B 178 25.30 26.13 14.28
CA LEU B 178 25.13 26.00 15.72
C LEU B 178 23.67 26.31 16.05
N TYR B 179 23.24 25.83 17.22
CA TYR B 179 21.83 25.81 17.60
C TYR B 179 21.46 26.98 18.51
N THR B 180 20.17 27.32 18.49
CA THR B 180 19.60 28.31 19.39
C THR B 180 18.25 27.81 19.88
N LEU B 181 17.89 28.16 21.11
CA LEU B 181 16.64 27.70 21.69
C LEU B 181 16.16 28.70 22.73
N SER B 182 14.84 28.70 22.97
CA SER B 182 14.24 29.59 23.94
C SER B 182 13.02 28.91 24.57
N SER B 183 12.63 29.43 25.73
CA SER B 183 11.43 28.96 26.42
C SER B 183 10.79 30.13 27.14
N SER B 184 9.51 29.97 27.48
CA SER B 184 8.71 31.05 28.04
C SER B 184 7.86 30.53 29.19
N VAL B 185 7.48 31.46 30.08
CA VAL B 185 6.63 31.12 31.22
C VAL B 185 5.79 32.32 31.63
N ILE B 197 15.28 36.55 38.43
CA ILE B 197 15.27 35.43 37.50
C ILE B 197 15.28 34.10 38.25
N THR B 198 14.54 33.12 37.72
CA THR B 198 14.56 31.75 38.19
C THR B 198 14.43 30.83 36.99
N CYS B 199 15.42 29.97 36.77
CA CYS B 199 15.53 29.23 35.53
C CYS B 199 15.01 27.80 35.61
N ASN B 200 14.91 27.22 36.81
CA ASN B 200 14.65 25.79 36.93
C ASN B 200 13.26 25.38 36.48
N VAL B 201 12.30 26.31 36.47
CA VAL B 201 10.92 26.03 36.06
C VAL B 201 10.35 24.85 36.85
N ALA B 205 28.65 16.31 30.38
CA ALA B 205 29.19 17.65 30.18
C ALA B 205 28.71 18.24 28.86
N SER B 206 27.70 17.60 28.26
CA SER B 206 27.05 18.19 27.08
C SER B 206 26.56 19.59 27.40
N SER B 207 25.65 19.69 28.37
CA SER B 207 25.46 20.93 29.10
C SER B 207 26.29 20.88 30.37
N THR B 208 26.71 22.05 30.84
CA THR B 208 27.52 22.14 32.06
C THR B 208 26.92 23.31 32.86
N LYS B 209 25.85 23.02 33.57
CA LYS B 209 25.01 24.03 34.21
C LYS B 209 25.79 25.08 35.01
N ASP C 1 9.98 8.36 -11.77
CA ASP C 1 9.57 7.79 -10.50
C ASP C 1 8.12 8.12 -10.17
N ILE C 2 7.60 7.40 -9.17
CA ILE C 2 6.25 7.66 -8.66
C ILE C 2 6.26 8.90 -7.77
N VAL C 3 5.44 9.88 -8.12
CA VAL C 3 5.19 11.00 -7.23
C VAL C 3 3.89 10.76 -6.48
N MET C 4 3.98 10.76 -5.14
CA MET C 4 2.82 10.62 -4.27
C MET C 4 2.53 12.00 -3.68
N THR C 5 1.31 12.49 -3.90
CA THR C 5 0.93 13.84 -3.48
C THR C 5 -0.27 13.77 -2.56
N GLN C 6 -0.08 14.18 -1.31
CA GLN C 6 -1.19 14.37 -0.38
C GLN C 6 -1.64 15.83 -0.41
N SER C 7 -2.94 16.03 -0.19
CA SER C 7 -3.55 17.32 -0.46
C SER C 7 -3.09 18.38 0.52
N GLN C 8 -3.29 18.15 1.81
CA GLN C 8 -3.03 19.16 2.84
C GLN C 8 -2.01 18.62 3.84
N LYS C 9 -1.05 19.48 4.22
CA LYS C 9 -0.04 19.10 5.18
C LYS C 9 -0.58 19.07 6.60
N PHE C 10 -1.70 19.76 6.86
CA PHE C 10 -2.40 19.73 8.12
C PHE C 10 -3.89 19.56 7.85
N MET C 11 -4.58 18.86 8.74
CA MET C 11 -6.02 18.68 8.62
C MET C 11 -6.66 18.74 10.00
N SER C 12 -7.75 19.48 10.11
CA SER C 12 -8.41 19.71 11.38
C SER C 12 -9.50 18.66 11.61
N THR C 13 -9.72 18.33 12.88
CA THR C 13 -10.70 17.33 13.23
C THR C 13 -11.33 17.66 14.58
N SER C 14 -12.61 17.29 14.72
CA SER C 14 -13.23 17.21 16.02
C SER C 14 -12.80 15.91 16.70
N VAL C 15 -13.22 15.76 17.96
CA VAL C 15 -12.73 14.60 18.72
C VAL C 15 -13.41 13.31 18.26
N GLY C 16 -14.66 13.39 17.81
CA GLY C 16 -15.37 12.20 17.34
C GLY C 16 -15.71 12.29 15.87
N ASP C 17 -14.82 12.91 15.10
CA ASP C 17 -15.08 13.30 13.72
C ASP C 17 -14.90 12.11 12.78
N ARG C 18 -15.14 12.37 11.49
CA ARG C 18 -14.82 11.45 10.41
C ARG C 18 -13.84 12.17 9.49
N VAL C 19 -12.58 11.73 9.49
CA VAL C 19 -11.52 12.38 8.75
C VAL C 19 -11.12 11.48 7.58
N SER C 20 -10.87 12.09 6.43
CA SER C 20 -10.41 11.38 5.24
C SER C 20 -9.18 12.09 4.71
N VAL C 21 -8.02 11.47 4.84
CA VAL C 21 -6.78 11.96 4.25
C VAL C 21 -6.68 11.43 2.82
N THR C 22 -6.31 12.30 1.89
CA THR C 22 -6.36 11.97 0.47
C THR C 22 -4.96 11.99 -0.14
N CYS C 23 -4.80 11.20 -1.20
CA CYS C 23 -3.55 11.15 -1.95
C CYS C 23 -3.83 10.98 -3.42
N LYS C 24 -3.03 11.65 -4.25
CA LYS C 24 -3.09 11.55 -5.70
C LYS C 24 -1.78 10.96 -6.20
N ALA C 25 -1.89 9.98 -7.10
CA ALA C 25 -0.73 9.31 -7.65
C ALA C 25 -0.34 9.91 -9.00
N SER C 26 0.91 9.68 -9.40
CA SER C 26 1.38 10.15 -10.71
C SER C 26 0.71 9.38 -11.85
N GLN C 27 0.55 8.07 -11.71
CA GLN C 27 -0.31 7.31 -12.61
C GLN C 27 -0.83 6.08 -11.85
N ASN C 28 -1.44 5.15 -12.59
CA ASN C 28 -2.01 3.93 -12.03
C ASN C 28 -0.99 3.09 -11.29
N VAL C 29 -1.07 3.06 -9.96
CA VAL C 29 -0.24 2.19 -9.16
C VAL C 29 -1.00 0.95 -8.70
N GLY C 30 -2.11 0.62 -9.36
CA GLY C 30 -2.86 -0.57 -9.00
C GLY C 30 -3.49 -0.42 -7.62
N THR C 31 -3.34 -1.46 -6.80
CA THR C 31 -3.82 -1.45 -5.43
C THR C 31 -2.70 -1.22 -4.43
N ASN C 32 -1.51 -0.87 -4.90
CA ASN C 32 -0.28 -1.02 -4.13
C ASN C 32 0.08 0.27 -3.38
N VAL C 33 -0.77 0.64 -2.43
CA VAL C 33 -0.44 1.73 -1.51
C VAL C 33 -0.64 1.23 -0.08
N ALA C 34 0.23 1.71 0.82
CA ALA C 34 0.15 1.40 2.24
C ALA C 34 0.15 2.72 3.01
N TRP C 35 -0.61 2.75 4.11
CA TRP C 35 -0.76 3.95 4.91
C TRP C 35 -0.03 3.76 6.24
N TYR C 36 0.78 4.75 6.62
CA TYR C 36 1.56 4.70 7.84
C TYR C 36 1.12 5.81 8.79
N GLN C 37 1.30 5.55 10.08
CA GLN C 37 1.06 6.53 11.14
C GLN C 37 2.37 6.78 11.88
N GLN C 38 2.62 8.03 12.26
CA GLN C 38 3.81 8.37 13.02
C GLN C 38 3.48 9.46 14.02
N LYS C 39 3.58 9.12 15.30
CA LYS C 39 3.52 10.11 16.37
C LYS C 39 4.89 10.76 16.53
N PRO C 40 4.93 12.02 16.98
CA PRO C 40 6.22 12.69 17.17
C PRO C 40 7.09 11.95 18.18
N GLY C 41 8.39 11.91 17.88
CA GLY C 41 9.34 11.21 18.73
C GLY C 41 9.31 9.71 18.62
N GLN C 42 8.64 9.15 17.60
CA GLN C 42 8.52 7.72 17.43
C GLN C 42 8.74 7.37 15.97
N SER C 43 8.91 6.08 15.71
CA SER C 43 9.08 5.55 14.36
C SER C 43 7.73 5.18 13.75
N PRO C 44 7.65 5.09 12.42
CA PRO C 44 6.34 4.87 11.77
C PRO C 44 5.70 3.55 12.17
N LYS C 45 4.38 3.51 11.99
CA LYS C 45 3.57 2.33 12.23
C LYS C 45 2.71 2.06 11.00
N ALA C 46 2.85 0.88 10.42
CA ALA C 46 2.04 0.53 9.25
C ALA C 46 0.61 0.21 9.68
N LEU C 47 -0.36 0.79 8.98
CA LEU C 47 -1.76 0.55 9.26
C LEU C 47 -2.43 -0.28 8.18
N ILE C 48 -2.42 0.19 6.93
CA ILE C 48 -3.15 -0.43 5.83
C ILE C 48 -2.14 -0.89 4.78
N TYR C 49 -2.44 -2.03 4.14
CA TYR C 49 -1.72 -2.46 2.95
C TYR C 49 -2.72 -2.81 1.86
N SER C 50 -2.22 -2.88 0.63
CA SER C 50 -3.05 -3.16 -0.55
C SER C 50 -4.27 -2.23 -0.59
N ALA C 51 -4.04 -0.97 -0.24
CA ALA C 51 -5.03 0.12 -0.32
C ALA C 51 -6.14 0.02 0.72
N SER C 52 -6.54 -1.20 1.11
CA SER C 52 -7.70 -1.32 1.98
C SER C 52 -7.60 -2.38 3.08
N TYR C 53 -6.58 -3.23 3.08
CA TYR C 53 -6.46 -4.28 4.09
C TYR C 53 -5.76 -3.74 5.33
N ARG C 54 -6.21 -4.18 6.50
CA ARG C 54 -5.64 -3.76 7.77
C ARG C 54 -4.65 -4.79 8.30
N TYR C 55 -3.71 -4.31 9.12
CA TYR C 55 -2.80 -5.17 9.86
C TYR C 55 -3.38 -5.54 11.22
N SER C 56 -2.69 -6.43 11.92
CA SER C 56 -3.15 -6.87 13.23
C SER C 56 -3.02 -5.75 14.24
N GLY C 57 -4.06 -5.60 15.07
CA GLY C 57 -4.08 -4.57 16.09
C GLY C 57 -4.54 -3.21 15.62
N VAL C 58 -4.87 -3.06 14.34
CA VAL C 58 -5.34 -1.78 13.80
C VAL C 58 -6.84 -1.68 14.02
N PRO C 59 -7.34 -0.60 14.61
CA PRO C 59 -8.77 -0.51 14.94
C PRO C 59 -9.64 -0.46 13.69
N ASP C 60 -10.91 -0.82 13.89
CA ASP C 60 -11.90 -0.71 12.83
C ASP C 60 -12.09 0.72 12.37
N ARG C 61 -11.62 1.70 13.15
CA ARG C 61 -11.76 3.10 12.79
C ARG C 61 -11.09 3.40 11.45
N PHE C 62 -10.01 2.70 11.13
CA PHE C 62 -9.16 3.02 9.99
C PHE C 62 -9.67 2.27 8.76
N THR C 63 -10.17 3.01 7.78
CA THR C 63 -10.63 2.45 6.51
C THR C 63 -9.70 2.95 5.40
N GLY C 64 -9.11 2.01 4.66
CA GLY C 64 -8.37 2.33 3.47
C GLY C 64 -9.27 2.18 2.25
N SER C 65 -9.07 3.07 1.27
CA SER C 65 -9.95 3.09 0.11
C SER C 65 -9.20 3.67 -1.08
N GLY C 66 -9.63 3.27 -2.28
CA GLY C 66 -9.06 3.80 -3.49
C GLY C 66 -8.47 2.74 -4.40
N SER C 67 -8.30 3.06 -5.68
CA SER C 67 -7.74 2.14 -6.65
C SER C 67 -7.05 2.93 -7.75
N GLY C 68 -5.96 2.37 -8.26
CA GLY C 68 -5.28 2.93 -9.40
C GLY C 68 -4.49 4.19 -9.14
N THR C 69 -5.19 5.32 -8.97
CA THR C 69 -4.52 6.62 -8.93
C THR C 69 -4.97 7.55 -7.79
N ASP C 70 -6.18 7.41 -7.25
CA ASP C 70 -6.65 8.24 -6.15
C ASP C 70 -6.96 7.35 -4.95
N PHE C 71 -6.48 7.76 -3.77
CA PHE C 71 -6.60 6.95 -2.56
C PHE C 71 -6.95 7.83 -1.38
N THR C 72 -7.67 7.24 -0.42
CA THR C 72 -8.04 7.93 0.81
C THR C 72 -7.95 6.99 2.01
N LEU C 73 -7.40 7.50 3.11
CA LEU C 73 -7.46 6.85 4.41
C LEU C 73 -8.50 7.57 5.27
N THR C 74 -9.43 6.81 5.83
CA THR C 74 -10.53 7.38 6.61
C THR C 74 -10.45 6.91 8.06
N ILE C 75 -10.46 7.87 8.99
CA ILE C 75 -10.61 7.60 10.41
C ILE C 75 -11.98 8.09 10.82
N SER C 76 -12.84 7.17 11.24
CA SER C 76 -14.19 7.49 11.69
C SER C 76 -14.34 7.11 13.16
N ASN C 77 -15.18 7.85 13.88
CA ASN C 77 -15.25 7.78 15.33
C ASN C 77 -13.85 7.98 15.90
N VAL C 78 -13.29 9.15 15.61
CA VAL C 78 -11.90 9.49 15.92
C VAL C 78 -11.68 9.37 17.43
N GLN C 79 -10.47 9.00 17.82
CA GLN C 79 -10.08 8.87 19.22
C GLN C 79 -8.80 9.66 19.46
N SER C 80 -8.55 9.99 20.73
CA SER C 80 -7.40 10.82 21.11
C SER C 80 -6.08 10.10 20.88
N GLU C 81 -6.13 8.85 20.40
CA GLU C 81 -4.94 8.14 20.00
C GLU C 81 -4.53 8.44 18.57
N ASP C 82 -5.39 9.09 17.78
CA ASP C 82 -5.24 9.20 16.34
C ASP C 82 -4.58 10.49 15.88
N LEU C 83 -4.22 11.38 16.79
CA LEU C 83 -3.52 12.61 16.42
C LEU C 83 -2.06 12.27 16.11
N ALA C 84 -1.69 12.30 14.83
CA ALA C 84 -0.34 11.92 14.43
C ALA C 84 -0.13 12.36 12.97
N GLU C 85 1.10 12.14 12.49
CA GLU C 85 1.40 12.27 11.07
C GLU C 85 0.96 11.01 10.33
N TYR C 86 0.49 11.20 9.10
CA TYR C 86 -0.01 10.09 8.30
C TYR C 86 0.57 10.14 6.91
N PHE C 87 1.20 9.04 6.49
CA PHE C 87 1.85 8.93 5.20
C PHE C 87 1.18 7.86 4.35
N CYS C 88 1.26 8.05 3.04
CA CYS C 88 1.00 7.00 2.08
C CYS C 88 2.33 6.51 1.51
N GLN C 89 2.32 5.26 1.06
CA GLN C 89 3.51 4.67 0.45
C GLN C 89 3.08 3.80 -0.72
N GLN C 90 3.73 3.98 -1.85
CA GLN C 90 3.47 3.14 -3.02
C GLN C 90 4.57 2.10 -3.15
N TYR C 91 4.17 0.87 -3.43
CA TYR C 91 5.12 -0.22 -3.64
C TYR C 91 4.82 -0.95 -4.95
N ASN C 92 4.22 -0.26 -5.91
CA ASN C 92 4.08 -0.82 -7.25
C ASN C 92 5.40 -0.78 -8.00
N SER C 93 6.12 0.34 -7.91
CA SER C 93 7.34 0.55 -8.67
C SER C 93 8.49 0.94 -7.76
N PHE C 94 9.68 0.47 -8.09
CA PHE C 94 10.88 1.04 -7.51
C PHE C 94 11.16 2.40 -8.14
N PRO C 95 11.53 3.41 -7.35
CA PRO C 95 11.72 3.41 -5.90
C PRO C 95 10.40 3.43 -5.12
N LEU C 96 10.41 2.97 -3.88
CA LEU C 96 9.19 2.82 -3.08
C LEU C 96 8.89 4.17 -2.41
N THR C 97 8.32 5.08 -3.20
CA THR C 97 8.17 6.47 -2.80
C THR C 97 7.06 6.66 -1.77
N PHE C 98 7.27 7.63 -0.89
CA PHE C 98 6.32 8.01 0.15
C PHE C 98 5.62 9.31 -0.21
N GLY C 99 4.53 9.59 0.50
CA GLY C 99 3.86 10.87 0.40
C GLY C 99 4.52 11.92 1.27
N ALA C 100 3.88 13.09 1.32
CA ALA C 100 4.47 14.21 2.04
C ALA C 100 4.13 14.18 3.53
N GLY C 101 2.99 13.60 3.90
CA GLY C 101 2.64 13.49 5.31
C GLY C 101 1.65 14.54 5.76
N THR C 102 0.58 14.09 6.42
CA THR C 102 -0.48 14.97 6.92
C THR C 102 -0.56 14.84 8.43
N LYS C 103 -0.31 15.94 9.13
CA LYS C 103 -0.58 16.03 10.55
C LYS C 103 -2.05 16.38 10.76
N LEU C 104 -2.79 15.52 11.44
CA LEU C 104 -4.19 15.80 11.73
C LEU C 104 -4.31 16.36 13.15
N GLU C 105 -5.12 17.41 13.30
CA GLU C 105 -5.03 18.34 14.42
C GLU C 105 -6.40 18.49 15.08
N LEU C 106 -6.38 18.81 16.38
CA LEU C 106 -7.57 18.85 17.22
C LEU C 106 -8.05 20.28 17.36
N LYS C 107 -9.32 20.52 17.02
CA LYS C 107 -9.90 21.85 16.95
C LYS C 107 -10.69 22.22 18.21
N ARG C 108 -10.52 23.46 18.67
CA ARG C 108 -11.38 24.12 19.64
C ARG C 108 -11.73 25.50 19.10
N ALA C 109 -12.55 26.24 19.87
CA ALA C 109 -12.91 27.59 19.46
C ALA C 109 -11.68 28.48 19.36
N ASP C 110 -11.70 29.40 18.39
CA ASP C 110 -10.53 30.16 18.03
C ASP C 110 -9.99 30.98 19.21
N ALA C 111 -8.71 31.35 19.10
CA ALA C 111 -8.05 32.16 20.11
C ALA C 111 -6.94 32.97 19.44
N ALA C 112 -6.85 34.23 19.84
CA ALA C 112 -5.79 35.13 19.39
C ALA C 112 -4.57 35.01 20.31
N PRO C 113 -3.39 35.32 19.83
CA PRO C 113 -2.18 35.15 20.65
C PRO C 113 -1.99 36.30 21.63
N THR C 114 -1.10 36.05 22.60
CA THR C 114 -0.58 37.08 23.48
C THR C 114 0.91 37.27 23.17
N VAL C 115 1.35 38.52 23.14
CA VAL C 115 2.61 38.91 22.50
C VAL C 115 3.54 39.51 23.55
N SER C 116 4.85 39.37 23.30
CA SER C 116 5.87 39.96 24.16
C SER C 116 7.16 40.13 23.35
N ILE C 117 7.90 41.20 23.63
CA ILE C 117 9.25 41.37 23.11
C ILE C 117 10.14 41.91 24.22
N PHE C 118 11.43 41.56 24.15
CA PHE C 118 12.40 41.83 25.22
C PHE C 118 13.71 42.31 24.61
N PRO C 119 14.27 43.41 25.12
CA PRO C 119 15.54 43.92 24.57
C PRO C 119 16.72 43.07 25.00
N PRO C 120 17.87 43.22 24.35
CA PRO C 120 19.03 42.39 24.70
C PRO C 120 19.48 42.61 26.14
N SER C 121 19.88 41.52 26.79
CA SER C 121 20.32 41.56 28.18
C SER C 121 21.73 42.14 28.27
N SER C 122 22.03 42.71 29.44
CA SER C 122 23.34 43.32 29.66
C SER C 122 24.47 42.32 29.47
N GLU C 123 24.23 41.05 29.80
CA GLU C 123 25.24 40.02 29.56
C GLU C 123 25.62 39.92 28.09
N GLN C 124 24.71 40.31 27.20
CA GLN C 124 25.01 40.33 25.77
C GLN C 124 25.92 41.50 25.42
N LEU C 125 25.50 42.72 25.76
CA LEU C 125 26.29 43.89 25.43
C LEU C 125 27.68 43.82 26.06
N THR C 126 27.77 43.30 27.28
CA THR C 126 29.07 43.11 27.90
C THR C 126 29.86 41.96 27.29
N SER C 127 29.32 41.29 26.26
CA SER C 127 30.08 40.31 25.49
C SER C 127 29.88 40.52 23.99
N GLY C 128 29.42 41.69 23.57
CA GLY C 128 29.32 42.06 22.18
C GLY C 128 27.98 41.81 21.53
N GLY C 129 27.13 40.95 22.13
CA GLY C 129 25.88 40.60 21.49
C GLY C 129 24.77 41.59 21.77
N ALA C 130 23.72 41.50 20.96
CA ALA C 130 22.58 42.40 21.10
C ALA C 130 21.34 41.81 20.42
N SER C 131 20.98 40.58 20.76
CA SER C 131 19.84 39.94 20.12
C SER C 131 18.54 40.33 20.83
N VAL C 132 17.48 40.51 20.05
CA VAL C 132 16.16 40.87 20.55
C VAL C 132 15.19 39.76 20.17
N VAL C 133 14.19 39.54 21.04
CA VAL C 133 13.35 38.35 20.97
C VAL C 133 11.88 38.75 21.00
N CYS C 134 11.05 37.93 20.34
CA CYS C 134 9.60 38.07 20.38
C CYS C 134 8.97 36.73 20.74
N PHE C 135 7.92 36.78 21.57
CA PHE C 135 7.10 35.61 21.86
C PHE C 135 5.71 35.82 21.28
N LEU C 136 5.14 34.75 20.70
CA LEU C 136 3.83 34.78 20.04
C LEU C 136 3.11 33.52 20.51
N ASN C 137 2.38 33.65 21.62
CA ASN C 137 1.95 32.50 22.41
C ASN C 137 0.44 32.28 22.34
N ASN C 138 0.05 31.02 22.18
CA ASN C 138 -1.33 30.55 22.39
C ASN C 138 -2.30 31.06 21.32
N PHE C 139 -1.87 31.02 20.06
CA PHE C 139 -2.78 31.23 18.95
C PHE C 139 -3.41 29.91 18.55
N TYR C 140 -4.68 29.96 18.12
CA TYR C 140 -5.28 28.67 17.82
C TYR C 140 -5.21 28.34 16.33
N PRO C 141 -5.79 29.12 15.40
CA PRO C 141 -5.51 28.81 13.99
C PRO C 141 -4.03 29.01 13.70
N LYS C 142 -3.40 27.96 13.16
CA LYS C 142 -1.95 27.87 13.13
C LYS C 142 -1.28 28.97 12.31
N ASP C 143 -2.01 29.62 11.40
CA ASP C 143 -1.38 30.48 10.41
C ASP C 143 -0.93 31.79 11.04
N ILE C 144 0.22 32.30 10.56
CA ILE C 144 0.83 33.53 11.05
C ILE C 144 1.56 34.22 9.92
N ASN C 145 1.90 35.48 10.15
CA ASN C 145 2.93 36.18 9.41
C ASN C 145 3.43 37.31 10.30
N VAL C 146 4.75 37.48 10.36
CA VAL C 146 5.38 38.23 11.44
C VAL C 146 6.54 39.06 10.90
N LYS C 147 6.62 40.31 11.33
CA LYS C 147 7.82 41.13 11.12
C LYS C 147 7.84 42.27 12.16
N GLN C 156 13.02 41.29 8.09
CA GLN C 156 14.35 41.53 7.51
C GLN C 156 15.27 40.33 7.77
N ASN C 157 16.55 40.52 7.50
CA ASN C 157 17.52 39.44 7.64
C ASN C 157 18.05 39.35 9.07
N GLY C 158 18.73 38.25 9.37
CA GLY C 158 19.19 37.96 10.71
C GLY C 158 18.11 37.41 11.62
N VAL C 159 17.09 36.77 11.04
CA VAL C 159 15.87 36.41 11.76
C VAL C 159 15.79 34.90 11.93
N LEU C 160 15.16 34.48 13.02
CA LEU C 160 14.94 33.07 13.33
C LEU C 160 13.54 32.89 13.87
N ASN C 161 12.86 31.83 13.43
CA ASN C 161 11.53 31.48 13.89
C ASN C 161 11.52 30.05 14.41
N SER C 162 10.67 29.79 15.40
CA SER C 162 10.55 28.45 15.97
C SER C 162 9.10 28.24 16.43
N TRP C 163 8.52 27.11 16.02
CA TRP C 163 7.13 26.80 16.30
C TRP C 163 7.02 25.61 17.24
N THR C 164 6.08 25.68 18.17
CA THR C 164 5.73 24.52 18.98
C THR C 164 4.76 23.62 18.21
N ASP C 165 4.75 22.35 18.60
CA ASP C 165 3.68 21.45 18.19
C ASP C 165 2.53 21.60 19.18
N GLN C 166 1.31 21.68 18.65
CA GLN C 166 0.19 22.20 19.41
C GLN C 166 -0.10 21.34 20.65
N ASP C 167 -0.39 22.01 21.76
CA ASP C 167 -0.53 21.40 23.07
C ASP C 167 -1.46 20.18 23.08
N ASP C 170 -6.58 23.33 26.49
CA ASP C 170 -5.14 23.56 26.49
C ASP C 170 -4.59 23.65 25.06
N SER C 171 -5.12 22.77 24.19
CA SER C 171 -4.64 22.63 22.83
C SER C 171 -4.56 23.97 22.11
N THR C 172 -3.35 24.34 21.68
CA THR C 172 -3.10 25.60 21.01
C THR C 172 -1.67 25.58 20.49
N TYR C 173 -1.34 26.58 19.67
CA TYR C 173 0.01 26.73 19.13
C TYR C 173 0.75 27.85 19.85
N SER C 174 2.07 27.94 19.60
CA SER C 174 2.90 28.96 20.22
C SER C 174 4.20 29.07 19.43
N MET C 175 4.83 30.24 19.49
CA MET C 175 5.96 30.53 18.63
C MET C 175 6.91 31.52 19.28
N SER C 176 8.19 31.39 18.94
CA SER C 176 9.21 32.39 19.26
C SER C 176 9.85 32.90 17.98
N SER C 177 10.31 34.16 18.03
CA SER C 177 10.98 34.80 16.91
C SER C 177 12.04 35.75 17.47
N THR C 178 13.11 35.97 16.71
CA THR C 178 14.22 36.74 17.24
C THR C 178 15.10 37.31 16.13
N LEU C 179 15.75 38.42 16.45
CA LEU C 179 16.81 39.01 15.64
C LEU C 179 18.12 38.95 16.43
N THR C 180 19.24 38.95 15.72
CA THR C 180 20.54 38.60 16.33
C THR C 180 21.61 39.64 15.96
N LEU C 181 21.44 40.85 16.48
CA LEU C 181 22.37 41.93 16.15
C LEU C 181 23.53 41.96 17.15
N THR C 182 24.51 42.83 16.86
CA THR C 182 25.64 43.06 17.75
C THR C 182 25.52 44.43 18.40
N LYS C 183 26.47 44.72 19.29
CA LYS C 183 26.41 45.85 20.21
C LYS C 183 26.07 47.18 19.55
N ASP C 184 26.95 47.67 18.67
CA ASP C 184 26.82 49.05 18.20
C ASP C 184 25.61 49.21 17.28
N GLU C 185 25.35 48.24 16.39
CA GLU C 185 24.28 48.40 15.42
C GLU C 185 22.90 48.37 16.07
N TYR C 186 22.79 47.74 17.25
CA TYR C 186 21.50 47.72 17.95
C TYR C 186 21.15 49.11 18.46
N GLU C 187 22.06 49.75 19.18
CA GLU C 187 21.81 51.08 19.72
C GLU C 187 22.00 52.18 18.68
N ARG C 188 22.59 51.87 17.51
CA ARG C 188 22.67 52.83 16.43
C ARG C 188 21.33 52.98 15.73
N HIS C 189 20.76 51.86 15.28
CA HIS C 189 19.52 51.86 14.51
C HIS C 189 18.31 51.63 15.42
N ASN C 190 18.19 52.51 16.43
CA ASN C 190 17.12 52.37 17.41
C ASN C 190 15.75 52.66 16.82
N SER C 191 15.68 53.44 15.74
CA SER C 191 14.40 53.81 15.16
C SER C 191 14.08 52.98 13.92
N THR C 197 0.67 39.69 12.32
CA THR C 197 -0.74 39.42 12.10
C THR C 197 -1.11 37.99 12.50
N HIS C 198 -2.40 37.69 12.43
CA HIS C 198 -2.91 36.37 12.76
C HIS C 198 -4.28 36.22 12.11
N LYS C 199 -4.78 34.98 12.08
CA LYS C 199 -6.07 34.69 11.48
C LYS C 199 -7.20 35.49 12.11
N THR C 200 -7.02 35.97 13.34
CA THR C 200 -8.10 36.59 14.11
C THR C 200 -8.12 38.11 14.02
N SER C 201 -7.17 38.72 13.34
CA SER C 201 -7.04 40.18 13.34
C SER C 201 -6.93 40.73 11.94
N THR C 202 -7.38 41.98 11.79
CA THR C 202 -7.21 42.73 10.55
C THR C 202 -5.91 43.51 10.51
N SER C 203 -5.22 43.64 11.64
CA SER C 203 -4.05 44.51 11.75
C SER C 203 -3.00 43.83 12.64
N PRO C 204 -1.73 44.18 12.46
CA PRO C 204 -0.70 43.62 13.34
C PRO C 204 -0.75 44.23 14.74
N ILE C 205 -0.15 43.53 15.68
CA ILE C 205 -0.21 43.91 17.10
C ILE C 205 1.18 43.83 17.73
N VAL C 206 2.22 43.90 16.91
CA VAL C 206 3.59 43.79 17.41
C VAL C 206 3.90 44.96 18.33
N LYS C 207 4.48 44.67 19.49
CA LYS C 207 4.67 45.67 20.53
C LYS C 207 5.98 46.44 20.24
N SER C 208 6.41 47.28 21.19
CA SER C 208 7.46 48.26 20.95
C SER C 208 8.60 48.10 21.95
N PHE C 209 9.70 48.85 21.70
CA PHE C 209 10.84 48.76 22.60
C PHE C 209 11.65 50.05 22.71
N ASN C 210 11.75 50.84 21.62
CA ASN C 210 12.61 52.02 21.48
C ASN C 210 13.80 52.03 22.44
N ARG C 211 13.95 53.07 23.27
CA ARG C 211 15.07 53.13 24.21
C ARG C 211 14.69 53.99 25.41
N ASN C 212 14.77 53.41 26.60
CA ASN C 212 14.49 54.09 27.87
C ASN C 212 13.16 54.84 27.85
C10 PXW D . 6.23 -26.33 -14.90
C13 PXW D . 7.06 -27.21 -15.78
C15 PXW D . 4.53 -27.89 -14.18
C17 PXW D . 1.43 -31.33 -13.15
C21 PXW D . 0.49 -35.17 -10.62
C22 PXW D . 0.51 -36.50 -10.88
C24 PXW D . -1.39 -36.52 -11.83
C26 PXW D . -0.83 -34.75 -10.64
C28 PXW D . -3.00 -35.64 -9.53
C02 PXW D . 3.09 -30.84 -11.56
C03 PXW D . 3.53 -29.77 -12.27
C04 PXW D . 2.89 -29.48 -13.45
C16 PXW D . 1.84 -30.25 -13.86
C18 PXW D . 2.07 -31.66 -11.99
C19 PXW D . 1.53 -32.84 -11.21
C23 PXW D . -0.79 -36.98 -10.80
C25 PXW D . -1.50 -35.11 -11.71
C05 PXW D . 3.27 -28.38 -14.19
C06 PXW D . 2.33 -27.71 -14.91
C07 PXW D . 2.63 -26.60 -15.64
C08 PXW D . 3.91 -26.11 -15.65
C09 PXW D . 4.83 -26.79 -14.93
C12 PXW D . 6.84 -26.10 -13.53
C11 PXW D . 6.92 -25.02 -14.59
N20 PXW D . 1.13 -34.18 -11.69
N27 PXW D . -1.57 -35.90 -9.82
N37 PXW D . -3.52 -34.44 -9.43
O38 PXW D . 1.35 -32.56 -10.12
CL01 PXW D . 3.98 -31.16 -10.12
N14 PXW D . 7.69 -27.87 -16.46
ZN ZN E . -3.17 13.66 -28.61
C1 EDO F . -24.31 -22.27 -32.25
O1 EDO F . -24.82 -23.56 -31.88
C2 EDO F . -25.26 -21.19 -31.75
O2 EDO F . -24.74 -19.90 -32.11
#